data_2AML
#
_entry.id   2AML
#
_cell.length_a   56.315
_cell.length_b   101.397
_cell.length_c   120.151
_cell.angle_alpha   90.000
_cell.angle_beta   90.000
_cell.angle_gamma   90.000
#
_symmetry.space_group_name_H-M   'P 21 21 21'
#
loop_
_entity.id
_entity.type
_entity.pdbx_description
1 polymer 'SIS domain protein'
2 non-polymer 'PHOSPHATE ION'
3 non-polymer GLYCEROL
4 non-polymer 'ACETATE ION'
5 water water
#
_entity_poly.entity_id   1
_entity_poly.type   'polypeptide(L)'
_entity_poly.pdbx_seq_one_letter_code
;(MSE)GSDKIHHHHHH(MSE)KPT(MSE)(MSE)TYINEEEE(MSE)CRVILADFQTNAEKLESLVKNGAKEWLILATGS
SLNAAQSAKYYIENLADVRITIEEPFNHLYYEKLSSHLDLVIGISQSGQSTSTISALERVKKEASVPVVALTSDVTSEIA
EFADITLDIGSGKERVGYVTKGFTATVLTL(MSE)LTGLHFAYKTVQIDETRFNNEISAFSRAIDAIPATIAETEAFYER
WQEEFATAPKFTAIGYGPTVGTCKEFETKFSETVRVPSQGLDLEAF(MSE)HGPYLEVNPQHRIFFLETASAVTERLVLL
RDYESKYTPFTYTVKFGKGEDDRTLVIPTDLDEYQAPFL(MSE)ILPFQILAHHIAELKGNKLTERIYTDFGVA(MSE)K
SKTKPGDYA
;
_entity_poly.pdbx_strand_id   A,B
#
loop_
_chem_comp.id
_chem_comp.type
_chem_comp.name
_chem_comp.formula
ACT non-polymer 'ACETATE ION' 'C2 H3 O2 -1'
GOL non-polymer GLYCEROL 'C3 H8 O3'
PO4 non-polymer 'PHOSPHATE ION' 'O4 P -3'
#
# COMPACT_ATOMS: atom_id res chain seq x y z
N HIS A 8 -19.60 -28.03 -20.77
CA HIS A 8 -19.39 -27.99 -22.25
C HIS A 8 -18.93 -26.58 -22.59
N HIS A 9 -17.72 -26.45 -23.16
CA HIS A 9 -17.18 -25.16 -23.59
C HIS A 9 -17.94 -24.71 -24.82
N HIS A 10 -18.67 -23.60 -24.66
CA HIS A 10 -19.29 -22.94 -25.80
C HIS A 10 -18.74 -21.52 -25.83
N HIS A 11 -17.86 -21.26 -26.81
CA HIS A 11 -17.10 -19.98 -26.91
C HIS A 11 -17.96 -18.72 -26.73
N HIS A 12 -19.17 -18.72 -27.31
CA HIS A 12 -20.00 -17.53 -27.26
C HIS A 12 -20.85 -17.47 -25.98
N MSE A 13 -20.80 -18.50 -25.14
CA MSE A 13 -21.65 -18.55 -23.95
C MSE A 13 -20.83 -18.50 -22.68
O MSE A 13 -21.26 -18.93 -21.61
CB MSE A 13 -22.50 -19.80 -23.99
CG MSE A 13 -23.36 -19.93 -25.26
SE MSE A 13 -24.72 -21.30 -25.11
CE MSE A 13 -25.83 -20.47 -23.79
N LYS A 14 -19.63 -17.97 -22.77
CA LYS A 14 -18.77 -17.88 -21.58
C LYS A 14 -19.35 -16.91 -20.58
N PRO A 15 -19.18 -17.22 -19.29
CA PRO A 15 -19.52 -16.19 -18.31
C PRO A 15 -18.58 -14.99 -18.42
N THR A 16 -19.10 -13.82 -18.12
CA THR A 16 -18.32 -12.59 -18.08
C THR A 16 -18.37 -12.03 -16.65
N MSE A 17 -17.68 -10.91 -16.43
CA MSE A 17 -17.81 -10.18 -15.16
C MSE A 17 -19.26 -9.84 -14.90
O MSE A 17 -19.72 -9.90 -13.78
CB MSE A 17 -16.99 -8.88 -15.16
CG MSE A 17 -15.52 -9.11 -15.13
SE MSE A 17 -14.50 -7.49 -15.33
CE MSE A 17 -14.65 -6.83 -13.49
N MSE A 18 -20.03 -9.51 -15.94
CA MSE A 18 -21.44 -9.17 -15.73
C MSE A 18 -22.28 -10.36 -15.29
O MSE A 18 -23.20 -10.24 -14.49
CB MSE A 18 -22.02 -8.52 -16.99
CG MSE A 18 -21.47 -7.13 -17.24
SE MSE A 18 -21.76 -5.86 -15.78
CE MSE A 18 -23.59 -5.89 -15.67
N THR A 19 -21.97 -11.54 -15.81
CA THR A 19 -22.62 -12.77 -15.31
C THR A 19 -22.56 -12.82 -13.78
N TYR A 20 -21.35 -12.63 -13.26
CA TYR A 20 -21.12 -12.78 -11.84
C TYR A 20 -21.65 -11.61 -11.00
N ILE A 21 -21.49 -10.40 -11.53
CA ILE A 21 -22.15 -9.25 -10.93
C ILE A 21 -23.65 -9.48 -10.78
N ASN A 22 -24.23 -10.04 -11.80
CA ASN A 22 -25.64 -10.33 -11.83
C ASN A 22 -26.07 -11.48 -10.89
N GLU A 23 -25.11 -12.23 -10.35
CA GLU A 23 -25.34 -13.28 -9.39
C GLU A 23 -25.16 -12.79 -7.96
N GLU A 24 -24.64 -11.59 -7.77
CA GLU A 24 -24.36 -11.11 -6.40
C GLU A 24 -25.57 -11.03 -5.48
N GLU A 25 -26.70 -10.52 -5.98
CA GLU A 25 -27.88 -10.38 -5.16
C GLU A 25 -28.32 -11.71 -4.54
N GLU A 26 -28.49 -12.71 -5.39
CA GLU A 26 -28.97 -14.01 -4.90
C GLU A 26 -27.93 -14.68 -3.99
N MSE A 27 -26.66 -14.51 -4.37
CA MSE A 27 -25.57 -15.07 -3.58
C MSE A 27 -25.54 -14.49 -2.16
O MSE A 27 -25.41 -15.22 -1.16
CB MSE A 27 -24.25 -14.74 -4.27
CG MSE A 27 -23.00 -15.21 -3.49
SE MSE A 27 -21.41 -14.40 -4.23
CE MSE A 27 -21.80 -12.61 -3.54
N CYS A 28 -25.68 -13.17 -2.08
CA CYS A 28 -25.71 -12.46 -0.80
C CYS A 28 -26.92 -12.82 0.06
N ARG A 29 -28.08 -13.08 -0.55
CA ARG A 29 -29.22 -13.54 0.24
C ARG A 29 -28.91 -14.81 0.96
N VAL A 30 -28.23 -15.71 0.27
CA VAL A 30 -27.88 -17.02 0.84
C VAL A 30 -26.82 -16.83 1.92
N ILE A 31 -25.80 -15.99 1.66
CA ILE A 31 -24.80 -15.71 2.71
C ILE A 31 -25.45 -15.15 3.98
N LEU A 32 -26.33 -14.17 3.84
CA LEU A 32 -27.04 -13.58 4.94
C LEU A 32 -27.91 -14.62 5.69
N ALA A 33 -28.59 -15.49 4.94
CA ALA A 33 -29.41 -16.52 5.58
C ALA A 33 -28.60 -17.40 6.52
N ASP A 34 -27.36 -17.69 6.13
CA ASP A 34 -26.60 -18.74 6.78
C ASP A 34 -25.40 -18.25 7.61
N PHE A 35 -25.27 -16.93 7.82
CA PHE A 35 -24.03 -16.41 8.41
C PHE A 35 -23.68 -16.87 9.80
N GLN A 36 -24.69 -17.25 10.55
CA GLN A 36 -24.44 -17.65 11.94
C GLN A 36 -23.58 -18.92 11.99
N THR A 37 -23.66 -19.77 10.99
CA THR A 37 -22.93 -21.05 10.96
C THR A 37 -21.43 -20.87 10.85
N ASN A 38 -20.97 -20.09 9.87
CA ASN A 38 -19.53 -19.78 9.79
C ASN A 38 -19.04 -19.09 11.06
N ALA A 39 -19.84 -18.16 11.58
CA ALA A 39 -19.40 -17.34 12.69
C ALA A 39 -19.16 -18.26 13.87
N GLU A 40 -20.04 -19.22 14.08
CA GLU A 40 -19.92 -20.16 15.19
C GLU A 40 -18.70 -21.02 15.06
N LYS A 41 -18.38 -21.40 13.83
CA LYS A 41 -17.16 -22.16 13.60
C LYS A 41 -15.94 -21.37 14.04
N LEU A 42 -15.85 -20.10 13.63
CA LEU A 42 -14.74 -19.27 14.06
C LEU A 42 -14.69 -19.09 15.58
N GLU A 43 -15.85 -18.79 16.17
CA GLU A 43 -15.98 -18.53 17.62
C GLU A 43 -15.56 -19.78 18.42
N SER A 44 -15.74 -20.98 17.86
CA SER A 44 -15.29 -22.21 18.55
C SER A 44 -13.79 -22.29 18.78
N LEU A 45 -13.02 -21.52 18.03
CA LEU A 45 -11.56 -21.53 18.17
C LEU A 45 -11.04 -20.49 19.12
N VAL A 46 -11.87 -19.50 19.47
CA VAL A 46 -11.41 -18.38 20.31
C VAL A 46 -12.31 -18.14 21.52
N LYS A 47 -12.56 -19.23 22.26
CA LYS A 47 -13.56 -19.22 23.33
C LYS A 47 -13.17 -18.29 24.48
N ASN A 48 -11.87 -18.11 24.69
CA ASN A 48 -11.42 -17.25 25.78
C ASN A 48 -11.39 -15.77 25.36
N GLY A 49 -11.79 -15.47 24.12
CA GLY A 49 -11.68 -14.14 23.53
C GLY A 49 -10.55 -14.09 22.50
N ALA A 50 -10.58 -13.08 21.64
CA ALA A 50 -9.52 -12.86 20.65
C ALA A 50 -9.46 -11.38 20.36
N LYS A 51 -8.48 -10.69 20.93
CA LYS A 51 -8.35 -9.26 20.72
C LYS A 51 -7.44 -8.86 19.56
N GLU A 52 -6.40 -9.65 19.27
CA GLU A 52 -5.42 -9.33 18.22
C GLU A 52 -5.51 -10.34 17.09
N TRP A 53 -5.93 -9.89 15.90
CA TRP A 53 -6.13 -10.74 14.78
C TRP A 53 -5.11 -10.36 13.72
N LEU A 54 -4.63 -11.36 13.01
CA LEU A 54 -3.81 -11.13 11.81
C LEU A 54 -4.49 -11.77 10.62
N ILE A 55 -4.64 -10.99 9.55
CA ILE A 55 -5.19 -11.47 8.30
C ILE A 55 -4.04 -11.52 7.28
N LEU A 56 -3.82 -12.72 6.71
CA LEU A 56 -2.84 -12.97 5.69
C LEU A 56 -3.60 -13.22 4.38
N ALA A 57 -3.35 -12.36 3.40
CA ALA A 57 -4.11 -12.38 2.15
C ALA A 57 -3.40 -11.51 1.11
N THR A 58 -3.65 -11.79 -0.16
CA THR A 58 -3.04 -11.01 -1.24
C THR A 58 -4.10 -10.65 -2.26
N GLY A 59 -3.80 -9.65 -3.07
CA GLY A 59 -4.69 -9.31 -4.14
C GLY A 59 -6.06 -8.91 -3.63
N SER A 60 -7.10 -9.32 -4.35
CA SER A 60 -8.47 -8.97 -4.02
C SER A 60 -8.85 -9.49 -2.64
N SER A 61 -8.25 -10.60 -2.18
CA SER A 61 -8.52 -11.09 -0.83
C SER A 61 -8.02 -10.08 0.23
N LEU A 62 -6.84 -9.53 0.01
CA LEU A 62 -6.29 -8.45 0.87
C LEU A 62 -7.24 -7.24 0.85
N ASN A 63 -7.67 -6.85 -0.35
CA ASN A 63 -8.50 -5.68 -0.48
C ASN A 63 -9.84 -5.92 0.24
N ALA A 64 -10.31 -7.16 0.23
CA ALA A 64 -11.55 -7.52 0.91
C ALA A 64 -11.41 -7.36 2.41
N ALA A 65 -10.28 -7.88 2.92
CA ALA A 65 -9.95 -7.73 4.34
C ALA A 65 -9.92 -6.26 4.71
N GLN A 66 -9.29 -5.44 3.88
CA GLN A 66 -9.13 -4.03 4.18
C GLN A 66 -10.49 -3.36 4.16
N SER A 67 -11.34 -3.84 3.27
CA SER A 67 -12.71 -3.33 3.17
C SER A 67 -13.61 -3.64 4.38
N ALA A 68 -13.33 -4.72 5.08
CA ALA A 68 -14.15 -5.14 6.23
C ALA A 68 -13.55 -4.75 7.59
N LYS A 69 -12.25 -4.48 7.63
CA LYS A 69 -11.52 -4.31 8.87
C LYS A 69 -12.19 -3.34 9.86
N TYR A 70 -12.49 -2.13 9.39
CA TYR A 70 -12.95 -1.12 10.34
C TYR A 70 -14.39 -1.34 10.74
N TYR A 71 -15.19 -2.01 9.90
CA TYR A 71 -16.51 -2.46 10.35
C TYR A 71 -16.40 -3.36 11.60
N ILE A 72 -15.52 -4.36 11.48
CA ILE A 72 -15.34 -5.33 12.55
C ILE A 72 -14.81 -4.65 13.82
N GLU A 73 -13.78 -3.80 13.64
CA GLU A 73 -13.16 -3.08 14.78
C GLU A 73 -14.12 -2.08 15.41
N ASN A 74 -15.14 -1.66 14.69
CA ASN A 74 -16.08 -0.67 15.24
C ASN A 74 -17.08 -1.32 16.17
N LEU A 75 -17.35 -2.60 15.93
CA LEU A 75 -18.31 -3.35 16.75
C LEU A 75 -17.73 -4.21 17.88
N ALA A 76 -16.52 -4.68 17.66
CA ALA A 76 -15.85 -5.61 18.61
C ALA A 76 -14.51 -4.98 19.07
N ASP A 77 -14.15 -5.23 20.33
CA ASP A 77 -12.83 -4.82 20.89
C ASP A 77 -11.75 -5.75 20.34
N VAL A 78 -11.46 -5.56 19.06
CA VAL A 78 -10.47 -6.33 18.35
C VAL A 78 -9.65 -5.37 17.51
N ARG A 79 -8.41 -5.77 17.27
CA ARG A 79 -7.52 -5.03 16.39
C ARG A 79 -7.08 -6.00 15.33
N ILE A 80 -7.24 -5.59 14.10
CA ILE A 80 -6.94 -6.45 12.96
C ILE A 80 -5.73 -5.86 12.21
N THR A 81 -4.67 -6.69 12.02
CA THR A 81 -3.53 -6.32 11.19
C THR A 81 -3.64 -7.15 9.93
N ILE A 82 -3.47 -6.50 8.77
CA ILE A 82 -3.54 -7.17 7.47
C ILE A 82 -2.15 -7.13 6.83
N GLU A 83 -1.64 -8.29 6.42
CA GLU A 83 -0.30 -8.39 5.86
C GLU A 83 -0.26 -9.20 4.58
N GLU A 84 0.51 -8.70 3.61
CA GLU A 84 0.85 -9.48 2.45
C GLU A 84 1.60 -10.72 2.90
N PRO A 85 1.18 -11.89 2.41
CA PRO A 85 1.74 -13.13 2.95
C PRO A 85 3.14 -13.52 2.52
N PHE A 86 3.55 -13.20 1.28
CA PHE A 86 4.93 -13.48 0.90
C PHE A 86 5.89 -12.67 1.78
N ASN A 87 5.65 -11.36 1.82
CA ASN A 87 6.44 -10.53 2.69
C ASN A 87 6.43 -11.00 4.15
N HIS A 88 5.25 -11.43 4.61
CA HIS A 88 5.13 -11.84 5.99
C HIS A 88 5.98 -13.04 6.28
N LEU A 89 5.94 -14.02 5.37
CA LEU A 89 6.69 -15.23 5.51
C LEU A 89 8.19 -14.97 5.58
N TYR A 90 8.67 -14.16 4.65
CA TYR A 90 10.12 -13.98 4.52
C TYR A 90 10.73 -12.87 5.36
N TYR A 91 9.91 -11.90 5.77
CA TYR A 91 10.48 -10.70 6.41
C TYR A 91 9.87 -10.29 7.76
N GLU A 92 8.66 -10.77 8.07
CA GLU A 92 7.99 -10.35 9.32
C GLU A 92 8.19 -11.36 10.42
N LYS A 93 8.28 -10.81 11.66
CA LYS A 93 8.19 -11.55 12.87
C LYS A 93 6.73 -11.65 13.28
N LEU A 94 6.36 -12.77 13.91
CA LEU A 94 5.04 -12.86 14.61
C LEU A 94 4.98 -12.04 15.94
N SER A 95 3.87 -11.35 16.18
CA SER A 95 3.62 -10.74 17.47
C SER A 95 3.45 -11.82 18.53
N SER A 96 4.04 -11.56 19.70
CA SER A 96 3.88 -12.41 20.90
C SER A 96 2.43 -12.43 21.36
N HIS A 97 1.68 -11.44 20.92
CA HIS A 97 0.33 -11.15 21.47
C HIS A 97 -0.80 -11.53 20.53
N LEU A 98 -0.52 -12.28 19.47
CA LEU A 98 -1.52 -12.64 18.48
C LEU A 98 -2.50 -13.67 19.05
N ASP A 99 -3.78 -13.48 18.79
CA ASP A 99 -4.85 -14.39 19.27
C ASP A 99 -5.55 -15.21 18.19
N LEU A 100 -5.45 -14.78 16.93
CA LEU A 100 -6.21 -15.41 15.83
C LEU A 100 -5.53 -15.01 14.53
N VAL A 101 -5.33 -15.98 13.64
CA VAL A 101 -4.85 -15.74 12.27
C VAL A 101 -5.95 -16.20 11.31
N ILE A 102 -6.27 -15.35 10.36
CA ILE A 102 -7.18 -15.68 9.25
C ILE A 102 -6.41 -15.58 7.93
N GLY A 103 -6.37 -16.66 7.17
CA GLY A 103 -5.85 -16.67 5.80
C GLY A 103 -7.00 -16.60 4.83
N ILE A 104 -6.93 -15.74 3.83
CA ILE A 104 -8.02 -15.60 2.87
C ILE A 104 -7.45 -15.74 1.46
N SER A 105 -8.06 -16.64 0.71
CA SER A 105 -7.76 -16.84 -0.69
C SER A 105 -8.99 -17.36 -1.38
N GLN A 106 -9.49 -16.63 -2.40
CA GLN A 106 -10.70 -17.09 -3.04
C GLN A 106 -10.51 -18.46 -3.65
N SER A 107 -9.45 -18.64 -4.43
CA SER A 107 -9.17 -19.96 -5.02
C SER A 107 -8.66 -20.98 -4.03
N GLY A 108 -8.01 -20.50 -2.97
CA GLY A 108 -7.27 -21.37 -2.06
C GLY A 108 -5.96 -21.91 -2.63
N GLN A 109 -5.52 -21.32 -3.75
CA GLN A 109 -4.38 -21.86 -4.52
C GLN A 109 -3.24 -20.86 -4.64
N SER A 110 -3.32 -19.74 -3.90
CA SER A 110 -2.25 -18.75 -3.92
C SER A 110 -1.13 -19.21 -3.00
N THR A 111 0.04 -19.53 -3.55
CA THR A 111 1.08 -20.14 -2.79
C THR A 111 1.62 -19.24 -1.68
N SER A 112 1.58 -17.94 -1.88
CA SER A 112 2.04 -17.00 -0.85
C SER A 112 1.17 -17.17 0.41
N THR A 113 -0.13 -17.08 0.25
CA THR A 113 -1.05 -17.22 1.38
C THR A 113 -0.94 -18.59 2.05
N ILE A 114 -0.84 -19.64 1.23
CA ILE A 114 -0.68 -21.00 1.75
C ILE A 114 0.60 -21.13 2.56
N SER A 115 1.72 -20.70 2.00
CA SER A 115 2.98 -20.81 2.73
C SER A 115 3.11 -19.95 4.00
N ALA A 116 2.45 -18.80 3.99
CA ALA A 116 2.46 -17.93 5.17
C ALA A 116 1.66 -18.61 6.31
N LEU A 117 0.54 -19.28 5.97
CA LEU A 117 -0.21 -20.04 6.98
C LEU A 117 0.58 -21.23 7.50
N GLU A 118 1.27 -21.94 6.60
CA GLU A 118 2.13 -23.04 7.01
C GLU A 118 3.12 -22.58 8.08
N ARG A 119 3.74 -21.42 7.89
CA ARG A 119 4.69 -20.89 8.86
C ARG A 119 4.05 -20.68 10.21
N VAL A 120 2.87 -20.10 10.19
CA VAL A 120 2.13 -19.85 11.42
C VAL A 120 1.78 -21.18 12.10
N LYS A 121 1.35 -22.16 11.32
CA LYS A 121 1.02 -23.49 11.91
C LYS A 121 2.23 -24.18 12.52
N LYS A 122 3.39 -24.05 11.89
CA LYS A 122 4.62 -24.67 12.38
C LYS A 122 5.23 -23.95 13.59
N GLU A 123 5.09 -22.63 13.69
CA GLU A 123 5.79 -21.85 14.69
C GLU A 123 5.00 -21.40 15.89
N ALA A 124 3.68 -21.37 15.76
CA ALA A 124 2.86 -20.81 16.84
C ALA A 124 1.68 -21.74 17.12
N SER A 125 1.02 -21.55 18.27
CA SER A 125 -0.10 -22.41 18.62
C SER A 125 -1.46 -21.65 18.41
N VAL A 126 -1.35 -20.46 17.86
CA VAL A 126 -2.50 -19.58 17.65
C VAL A 126 -3.49 -20.25 16.71
N PRO A 127 -4.79 -20.12 16.98
CA PRO A 127 -5.72 -20.71 16.04
C PRO A 127 -5.67 -20.04 14.68
N VAL A 128 -5.91 -20.86 13.66
CA VAL A 128 -5.90 -20.41 12.28
C VAL A 128 -7.19 -20.80 11.55
N VAL A 129 -7.81 -19.80 10.94
CA VAL A 129 -9.00 -19.95 10.10
C VAL A 129 -8.61 -19.64 8.65
N ALA A 130 -9.09 -20.43 7.71
CA ALA A 130 -8.96 -20.12 6.27
C ALA A 130 -10.33 -19.79 5.74
N LEU A 131 -10.38 -18.76 4.90
CA LEU A 131 -11.59 -18.36 4.22
C LEU A 131 -11.33 -18.48 2.72
N THR A 132 -12.18 -19.22 2.03
CA THR A 132 -11.97 -19.52 0.61
C THR A 132 -13.28 -19.86 -0.08
N SER A 133 -13.31 -19.85 -1.40
CA SER A 133 -14.45 -20.38 -2.13
C SER A 133 -14.41 -21.90 -2.33
N ASP A 134 -13.28 -22.52 -2.07
CA ASP A 134 -13.07 -23.95 -2.30
C ASP A 134 -12.43 -24.54 -1.05
N VAL A 135 -13.28 -25.09 -0.19
CA VAL A 135 -12.83 -25.62 1.10
C VAL A 135 -11.96 -26.86 0.98
N THR A 136 -11.92 -27.47 -0.21
CA THR A 136 -11.07 -28.63 -0.51
C THR A 136 -9.67 -28.25 -1.05
N SER A 137 -9.41 -26.96 -1.21
CA SER A 137 -8.18 -26.49 -1.79
C SER A 137 -6.98 -26.58 -0.81
N GLU A 138 -5.80 -26.27 -1.35
CA GLU A 138 -4.53 -26.43 -0.65
C GLU A 138 -4.45 -25.65 0.65
N ILE A 139 -5.13 -24.49 0.68
CA ILE A 139 -5.10 -23.61 1.85
C ILE A 139 -5.63 -24.32 3.11
N ALA A 140 -6.59 -25.23 2.92
CA ALA A 140 -7.21 -25.92 4.05
C ALA A 140 -6.21 -26.74 4.87
N GLU A 141 -5.06 -27.15 4.29
CA GLU A 141 -4.10 -27.97 5.04
C GLU A 141 -3.54 -27.21 6.25
N PHE A 142 -3.43 -25.90 6.13
CA PHE A 142 -2.71 -25.11 7.14
C PHE A 142 -3.64 -24.25 8.00
N ALA A 143 -4.88 -24.70 8.14
CA ALA A 143 -5.87 -24.03 8.99
C ALA A 143 -6.53 -25.04 9.88
N ASP A 144 -6.92 -24.60 11.07
CA ASP A 144 -7.71 -25.45 11.98
C ASP A 144 -9.14 -25.65 11.49
N ILE A 145 -9.72 -24.59 10.91
CA ILE A 145 -11.04 -24.66 10.28
C ILE A 145 -11.01 -23.82 9.00
N THR A 146 -11.75 -24.28 8.00
CA THR A 146 -11.78 -23.65 6.69
C THR A 146 -13.21 -23.36 6.39
N LEU A 147 -13.51 -22.06 6.24
CA LEU A 147 -14.83 -21.52 6.03
C LEU A 147 -15.07 -21.11 4.56
N ASP A 148 -16.28 -21.36 4.07
CA ASP A 148 -16.64 -21.07 2.69
C ASP A 148 -17.19 -19.66 2.58
N ILE A 149 -16.62 -18.85 1.67
CA ILE A 149 -17.15 -17.50 1.46
C ILE A 149 -18.52 -17.45 0.78
N GLY A 150 -18.95 -18.55 0.19
CA GLY A 150 -20.31 -18.62 -0.29
C GLY A 150 -20.50 -18.23 -1.75
N SER A 151 -19.43 -18.06 -2.51
CA SER A 151 -19.50 -17.57 -3.90
C SER A 151 -19.74 -18.68 -4.92
N GLY A 152 -19.31 -19.90 -4.62
CA GLY A 152 -19.16 -20.93 -5.63
C GLY A 152 -17.92 -20.63 -6.48
N LYS A 153 -17.79 -21.37 -7.58
CA LYS A 153 -16.64 -21.28 -8.42
C LYS A 153 -16.86 -20.16 -9.41
N GLU A 154 -15.97 -19.20 -9.42
CA GLU A 154 -16.04 -18.03 -10.32
C GLU A 154 -15.00 -18.25 -11.41
N ARG A 155 -15.45 -18.50 -12.65
CA ARG A 155 -14.57 -18.94 -13.72
C ARG A 155 -14.16 -17.75 -14.60
N VAL A 156 -14.16 -16.57 -14.03
CA VAL A 156 -13.57 -15.36 -14.65
C VAL A 156 -12.50 -14.90 -13.64
N GLY A 157 -11.28 -14.65 -14.13
CA GLY A 157 -10.16 -14.24 -13.25
C GLY A 157 -10.31 -12.87 -12.57
N TYR A 158 -11.08 -12.01 -13.21
CA TYR A 158 -11.37 -10.67 -12.69
C TYR A 158 -12.54 -10.77 -11.71
N VAL A 159 -12.20 -11.20 -10.50
CA VAL A 159 -13.27 -11.59 -9.56
C VAL A 159 -14.16 -10.42 -9.15
N THR A 160 -15.45 -10.73 -9.04
CA THR A 160 -16.44 -9.75 -8.65
C THR A 160 -17.26 -10.32 -7.52
N LYS A 161 -18.10 -11.28 -7.83
CA LYS A 161 -18.92 -11.87 -6.79
C LYS A 161 -18.08 -12.44 -5.63
N GLY A 162 -16.92 -13.03 -5.94
CA GLY A 162 -16.09 -13.58 -4.89
C GLY A 162 -15.55 -12.55 -3.93
N PHE A 163 -15.19 -11.37 -4.46
CA PHE A 163 -14.71 -10.26 -3.66
C PHE A 163 -15.86 -9.83 -2.70
N THR A 164 -17.04 -9.61 -3.27
CA THR A 164 -18.22 -9.20 -2.54
C THR A 164 -18.58 -10.23 -1.46
N ALA A 165 -18.53 -11.51 -1.78
CA ALA A 165 -18.78 -12.58 -0.83
C ALA A 165 -17.80 -12.53 0.32
N THR A 166 -16.54 -12.22 0.03
CA THR A 166 -15.52 -12.19 1.07
C THR A 166 -15.80 -11.02 2.02
N VAL A 167 -16.09 -9.83 1.48
CA VAL A 167 -16.34 -8.67 2.33
C VAL A 167 -17.56 -8.97 3.21
N LEU A 168 -18.64 -9.47 2.60
CA LEU A 168 -19.87 -9.73 3.36
C LEU A 168 -19.63 -10.76 4.43
N THR A 169 -18.99 -11.87 4.04
CA THR A 169 -18.69 -12.95 5.02
C THR A 169 -17.88 -12.39 6.18
N LEU A 170 -16.87 -11.56 5.93
CA LEU A 170 -16.05 -11.00 7.03
C LEU A 170 -16.90 -10.09 7.91
N MSE A 171 -17.68 -9.20 7.30
CA MSE A 171 -18.48 -8.27 8.08
C MSE A 171 -19.48 -8.99 8.95
O MSE A 171 -19.59 -8.73 10.14
CB MSE A 171 -19.20 -7.27 7.18
CG MSE A 171 -18.23 -6.24 6.58
SE MSE A 171 -19.27 -4.96 5.49
CE MSE A 171 -17.73 -3.76 4.99
N LEU A 172 -20.18 -9.96 8.37
CA LEU A 172 -21.22 -10.72 9.11
C LEU A 172 -20.61 -11.58 10.18
N THR A 173 -19.45 -12.15 9.90
CA THR A 173 -18.73 -12.92 10.93
C THR A 173 -18.35 -12.02 12.12
N GLY A 174 -17.81 -10.85 11.79
CA GLY A 174 -17.49 -9.92 12.86
C GLY A 174 -18.70 -9.42 13.62
N LEU A 175 -19.80 -9.15 12.91
CA LEU A 175 -21.03 -8.74 13.54
C LEU A 175 -21.50 -9.79 14.56
N HIS A 176 -21.55 -11.06 14.11
CA HIS A 176 -21.98 -12.14 14.98
C HIS A 176 -21.03 -12.27 16.19
N PHE A 177 -19.72 -12.17 15.94
CA PHE A 177 -18.75 -12.23 17.02
C PHE A 177 -19.03 -11.15 18.06
N ALA A 178 -19.24 -9.92 17.58
CA ALA A 178 -19.58 -8.79 18.50
C ALA A 178 -20.82 -9.06 19.32
N TYR A 179 -21.84 -9.58 18.67
CA TYR A 179 -23.11 -9.86 19.39
C TYR A 179 -22.99 -11.06 20.39
N LYS A 180 -22.35 -12.13 19.90
CA LYS A 180 -22.19 -13.34 20.69
C LYS A 180 -21.41 -13.04 21.98
N THR A 181 -20.40 -12.18 21.84
CA THR A 181 -19.54 -11.80 22.97
C THR A 181 -20.10 -10.62 23.78
N VAL A 182 -21.33 -10.20 23.48
CA VAL A 182 -22.03 -9.20 24.28
C VAL A 182 -21.35 -7.81 24.20
N GLN A 183 -20.67 -7.56 23.11
CA GLN A 183 -20.07 -6.24 22.84
C GLN A 183 -21.06 -5.23 22.20
N ILE A 184 -22.09 -5.75 21.54
CA ILE A 184 -23.25 -4.96 21.05
C ILE A 184 -24.49 -5.63 21.55
N ASP A 185 -25.56 -4.86 21.63
CA ASP A 185 -26.82 -5.41 22.11
C ASP A 185 -27.69 -5.98 20.97
N GLU A 186 -28.82 -6.59 21.35
CA GLU A 186 -29.66 -7.27 20.38
C GLU A 186 -30.24 -6.29 19.36
N THR A 187 -30.59 -5.11 19.83
CA THR A 187 -31.09 -4.07 18.94
C THR A 187 -30.08 -3.70 17.86
N ARG A 188 -28.82 -3.49 18.26
CA ARG A 188 -27.79 -3.18 17.28
C ARG A 188 -27.55 -4.34 16.28
N PHE A 189 -27.53 -5.58 16.81
CA PHE A 189 -27.30 -6.75 15.99
C PHE A 189 -28.37 -6.85 14.90
N ASN A 190 -29.62 -6.74 15.32
CA ASN A 190 -30.72 -6.82 14.38
C ASN A 190 -30.76 -5.65 13.41
N ASN A 191 -30.39 -4.45 13.87
CA ASN A 191 -30.34 -3.28 13.01
C ASN A 191 -29.25 -3.44 11.97
N GLU A 192 -28.12 -4.07 12.31
CA GLU A 192 -27.11 -4.34 11.31
C GLU A 192 -27.56 -5.36 10.26
N ILE A 193 -28.22 -6.42 10.69
CA ILE A 193 -28.75 -7.39 9.73
C ILE A 193 -29.69 -6.67 8.77
N SER A 194 -30.57 -5.85 9.29
CA SER A 194 -31.50 -5.09 8.44
C SER A 194 -30.82 -4.16 7.46
N ALA A 195 -29.71 -3.54 7.88
CA ALA A 195 -28.96 -2.66 6.99
C ALA A 195 -28.39 -3.47 5.80
N PHE A 196 -27.79 -4.62 6.08
CA PHE A 196 -27.26 -5.45 5.01
C PHE A 196 -28.34 -6.03 4.11
N SER A 197 -29.49 -6.38 4.71
CA SER A 197 -30.63 -6.87 3.92
C SER A 197 -31.13 -5.81 2.92
N ARG A 198 -31.24 -4.57 3.38
CA ARG A 198 -31.67 -3.45 2.52
C ARG A 198 -30.63 -3.24 1.44
N ALA A 199 -29.34 -3.37 1.79
CA ALA A 199 -28.27 -3.16 0.82
C ALA A 199 -28.31 -4.24 -0.29
N ILE A 200 -28.54 -5.46 0.11
CA ILE A 200 -28.68 -6.57 -0.85
C ILE A 200 -29.86 -6.30 -1.78
N ASP A 201 -30.97 -5.87 -1.21
CA ASP A 201 -32.17 -5.60 -2.00
C ASP A 201 -31.99 -4.42 -2.97
N ALA A 202 -31.04 -3.56 -2.64
CA ALA A 202 -30.64 -2.38 -3.46
C ALA A 202 -29.65 -2.74 -4.56
N ILE A 203 -29.24 -4.02 -4.67
CA ILE A 203 -28.27 -4.37 -5.73
C ILE A 203 -28.80 -4.09 -7.13
N PRO A 204 -30.01 -4.57 -7.48
CA PRO A 204 -30.50 -4.25 -8.85
C PRO A 204 -30.58 -2.74 -9.18
N ALA A 205 -31.06 -1.94 -8.23
CA ALA A 205 -31.14 -0.50 -8.46
C ALA A 205 -29.76 0.10 -8.58
N THR A 206 -28.79 -0.46 -7.87
CA THR A 206 -27.43 0.05 -7.90
C THR A 206 -26.78 -0.28 -9.24
N ILE A 207 -27.04 -1.47 -9.74
CA ILE A 207 -26.64 -1.85 -11.10
C ILE A 207 -27.21 -0.89 -12.11
N ALA A 208 -28.53 -0.62 -12.02
CA ALA A 208 -29.17 0.28 -12.96
C ALA A 208 -28.62 1.72 -12.91
N GLU A 209 -28.34 2.21 -11.71
CA GLU A 209 -27.80 3.57 -11.57
C GLU A 209 -26.41 3.61 -12.20
N THR A 210 -25.63 2.55 -12.00
CA THR A 210 -24.27 2.50 -12.55
C THR A 210 -24.36 2.49 -14.08
N GLU A 211 -25.31 1.73 -14.63
CA GLU A 211 -25.53 1.71 -16.09
C GLU A 211 -25.85 3.13 -16.60
N ALA A 212 -26.70 3.85 -15.88
CA ALA A 212 -27.13 5.22 -16.29
C ALA A 212 -25.89 6.14 -16.24
N PHE A 213 -25.08 6.00 -15.19
CA PHE A 213 -23.92 6.84 -15.03
C PHE A 213 -22.92 6.54 -16.11
N TYR A 214 -22.70 5.26 -16.40
CA TYR A 214 -21.77 4.85 -17.42
C TYR A 214 -22.22 5.40 -18.77
N GLU A 215 -23.50 5.25 -19.10
CA GLU A 215 -24.01 5.74 -20.38
C GLU A 215 -23.82 7.27 -20.50
N ARG A 216 -23.99 7.99 -19.39
CA ARG A 216 -23.87 9.44 -19.38
C ARG A 216 -22.44 9.87 -19.64
N TRP A 217 -21.45 9.14 -19.11
CA TRP A 217 -20.06 9.59 -19.11
C TRP A 217 -19.15 8.73 -19.96
N GLN A 218 -19.70 7.76 -20.71
CA GLN A 218 -18.81 6.82 -21.41
C GLN A 218 -17.80 7.49 -22.33
N GLU A 219 -18.21 8.59 -22.97
CA GLU A 219 -17.28 9.30 -23.86
C GLU A 219 -16.06 9.83 -23.10
N GLU A 220 -16.22 10.11 -21.81
CA GLU A 220 -15.11 10.58 -21.01
C GLU A 220 -14.19 9.42 -20.58
N PHE A 221 -14.67 8.18 -20.65
CA PHE A 221 -13.87 7.04 -20.23
C PHE A 221 -13.09 6.41 -21.35
N ALA A 222 -13.58 6.54 -22.57
CA ALA A 222 -12.99 5.82 -23.70
C ALA A 222 -11.49 6.02 -23.87
N THR A 223 -11.01 7.27 -23.77
CA THR A 223 -9.61 7.59 -23.98
C THR A 223 -8.94 8.05 -22.68
N ALA A 224 -9.53 7.70 -21.53
CA ALA A 224 -8.87 7.95 -20.24
C ALA A 224 -7.52 7.24 -20.18
N PRO A 225 -6.44 7.98 -19.91
CA PRO A 225 -5.14 7.33 -19.80
C PRO A 225 -4.70 6.98 -18.37
N LYS A 226 -5.43 7.48 -17.39
CA LYS A 226 -5.11 7.28 -15.99
C LYS A 226 -6.39 7.48 -15.21
N PHE A 227 -6.60 6.56 -14.26
CA PHE A 227 -7.69 6.64 -13.32
C PHE A 227 -7.17 6.71 -11.89
N THR A 228 -7.90 7.44 -11.02
CA THR A 228 -7.63 7.48 -9.57
C THR A 228 -8.95 7.37 -8.87
N ALA A 229 -8.95 6.65 -7.75
CA ALA A 229 -10.09 6.59 -6.82
C ALA A 229 -9.55 7.01 -5.47
N ILE A 230 -10.24 7.93 -4.80
CA ILE A 230 -9.81 8.51 -3.51
C ILE A 230 -10.86 8.18 -2.46
N GLY A 231 -10.42 7.62 -1.33
CA GLY A 231 -11.29 7.24 -0.22
C GLY A 231 -10.58 7.48 1.09
N TYR A 232 -11.19 7.01 2.17
CA TYR A 232 -10.66 7.25 3.52
C TYR A 232 -11.28 6.26 4.47
N GLY A 233 -10.52 5.89 5.48
CA GLY A 233 -11.00 4.92 6.46
C GLY A 233 -11.45 3.64 5.77
N PRO A 234 -12.69 3.18 6.05
CA PRO A 234 -13.18 1.93 5.43
C PRO A 234 -13.06 1.86 3.91
N THR A 235 -13.25 3.01 3.25
CA THR A 235 -13.37 2.97 1.79
C THR A 235 -11.99 2.91 1.11
N VAL A 236 -10.90 2.99 1.87
CA VAL A 236 -9.61 2.70 1.27
C VAL A 236 -9.58 1.28 0.68
N GLY A 237 -10.18 0.31 1.39
CA GLY A 237 -10.31 -1.03 0.81
C GLY A 237 -11.00 -1.05 -0.54
N THR A 238 -12.05 -0.26 -0.68
CA THR A 238 -12.75 -0.11 -1.95
C THR A 238 -11.84 0.47 -3.03
N CYS A 239 -11.05 1.45 -2.63
CA CYS A 239 -10.08 2.04 -3.55
C CYS A 239 -9.01 1.05 -4.02
N LYS A 240 -8.56 0.17 -3.12
CA LYS A 240 -7.55 -0.82 -3.52
C LYS A 240 -8.16 -1.81 -4.49
N GLU A 241 -9.41 -2.19 -4.26
CA GLU A 241 -10.07 -3.12 -5.19
C GLU A 241 -10.40 -2.47 -6.52
N PHE A 242 -10.75 -1.18 -6.49
CA PHE A 242 -10.78 -0.39 -7.75
C PHE A 242 -9.47 -0.49 -8.48
N GLU A 243 -8.34 -0.31 -7.77
CA GLU A 243 -7.02 -0.34 -8.44
C GLU A 243 -6.78 -1.71 -9.06
N THR A 244 -7.01 -2.76 -8.28
CA THR A 244 -6.82 -4.12 -8.80
C THR A 244 -7.70 -4.40 -10.04
N LYS A 245 -9.00 -4.13 -9.92
CA LYS A 245 -9.90 -4.41 -11.03
C LYS A 245 -9.59 -3.59 -12.24
N PHE A 246 -9.43 -2.28 -12.09
CA PHE A 246 -9.14 -1.43 -13.25
C PHE A 246 -7.82 -1.80 -13.91
N SER A 247 -6.80 -2.06 -13.11
CA SER A 247 -5.48 -2.40 -13.67
C SER A 247 -5.59 -3.68 -14.53
N GLU A 248 -6.38 -4.66 -14.07
CA GLU A 248 -6.45 -5.96 -14.75
C GLU A 248 -7.26 -5.94 -16.05
N THR A 249 -8.24 -5.04 -16.12
CA THR A 249 -9.25 -5.12 -17.14
C THR A 249 -9.20 -3.93 -18.09
N VAL A 250 -9.39 -2.74 -17.51
CA VAL A 250 -9.24 -1.48 -18.25
C VAL A 250 -7.79 -1.31 -18.73
N ARG A 251 -6.84 -1.73 -17.90
CA ARG A 251 -5.44 -1.86 -18.31
C ARG A 251 -4.78 -0.56 -18.66
N VAL A 252 -5.26 0.53 -18.07
CA VAL A 252 -4.52 1.77 -18.01
C VAL A 252 -4.14 1.99 -16.55
N PRO A 253 -3.11 2.79 -16.30
CA PRO A 253 -2.74 3.05 -14.92
C PRO A 253 -3.87 3.58 -14.05
N SER A 254 -4.09 2.88 -12.95
CA SER A 254 -5.28 3.07 -12.12
C SER A 254 -4.82 2.93 -10.70
N GLN A 255 -5.10 3.92 -9.88
CA GLN A 255 -4.54 4.00 -8.53
C GLN A 255 -5.67 4.20 -7.53
N GLY A 256 -5.66 3.47 -6.43
CA GLY A 256 -6.57 3.72 -5.32
C GLY A 256 -5.79 4.29 -4.16
N LEU A 257 -6.21 5.44 -3.64
CA LEU A 257 -5.44 6.20 -2.66
C LEU A 257 -6.26 6.69 -1.48
N ASP A 258 -5.62 6.66 -0.31
CA ASP A 258 -6.05 7.36 0.85
C ASP A 258 -6.04 8.87 0.61
N LEU A 259 -7.10 9.53 1.08
CA LEU A 259 -7.31 10.97 0.96
C LEU A 259 -6.10 11.81 1.35
N GLU A 260 -5.54 11.54 2.52
CA GLU A 260 -4.41 12.31 3.01
C GLU A 260 -3.10 11.83 2.37
N ALA A 261 -2.93 10.54 2.09
CA ALA A 261 -1.73 10.12 1.34
C ALA A 261 -1.62 10.86 -0.01
N PHE A 262 -2.77 11.10 -0.67
CA PHE A 262 -2.80 11.84 -1.93
C PHE A 262 -2.12 13.21 -1.82
N MSE A 263 -2.24 13.79 -0.64
CA MSE A 263 -1.70 15.12 -0.36
C MSE A 263 -0.18 15.18 -0.15
O MSE A 263 0.36 16.29 0.04
CB MSE A 263 -2.39 15.67 0.89
CG MSE A 263 -3.88 15.81 0.64
SE MSE A 263 -4.87 16.38 2.19
CE MSE A 263 -6.63 16.20 1.44
N HIS A 264 0.50 14.03 -0.23
CA HIS A 264 1.94 13.99 -0.01
C HIS A 264 2.73 13.41 -1.14
N GLY A 265 2.17 13.49 -2.34
CA GLY A 265 2.91 13.15 -3.54
C GLY A 265 2.01 13.13 -4.76
N PRO A 266 0.95 12.31 -4.73
CA PRO A 266 0.11 12.15 -5.88
C PRO A 266 -0.51 13.42 -6.44
N TYR A 267 -0.82 14.38 -5.57
CA TYR A 267 -1.42 15.63 -6.08
C TYR A 267 -0.53 16.31 -7.17
N LEU A 268 0.78 16.07 -7.09
CA LEU A 268 1.71 16.78 -7.98
C LEU A 268 1.69 16.13 -9.38
N GLU A 269 1.12 14.95 -9.49
CA GLU A 269 1.00 14.28 -10.79
C GLU A 269 -0.24 14.72 -11.61
N VAL A 270 -1.19 15.32 -10.91
CA VAL A 270 -2.47 15.65 -11.57
C VAL A 270 -2.24 16.45 -12.84
N ASN A 271 -2.93 16.03 -13.91
CA ASN A 271 -2.98 16.81 -15.13
C ASN A 271 -4.43 16.75 -15.66
N PRO A 272 -4.76 17.59 -16.66
CA PRO A 272 -6.15 17.64 -17.16
C PRO A 272 -6.71 16.41 -17.81
N GLN A 273 -5.93 15.35 -17.97
CA GLN A 273 -6.42 14.07 -18.45
C GLN A 273 -6.75 13.06 -17.36
N HIS A 274 -6.44 13.39 -16.11
CA HIS A 274 -6.72 12.46 -15.03
C HIS A 274 -8.23 12.30 -14.86
N ARG A 275 -8.70 11.07 -14.78
CA ARG A 275 -10.11 10.76 -14.41
C ARG A 275 -10.09 10.35 -12.94
N ILE A 276 -10.73 11.15 -12.07
CA ILE A 276 -10.64 10.99 -10.63
C ILE A 276 -12.01 10.77 -10.03
N PHE A 277 -12.19 9.60 -9.38
CA PHE A 277 -13.34 9.29 -8.59
C PHE A 277 -13.12 9.63 -7.12
N PHE A 278 -14.10 10.31 -6.54
CA PHE A 278 -14.11 10.63 -5.10
C PHE A 278 -15.18 9.78 -4.46
N LEU A 279 -14.75 8.96 -3.49
CA LEU A 279 -15.70 8.11 -2.75
C LEU A 279 -16.11 8.89 -1.54
N GLU A 280 -17.39 9.24 -1.46
CA GLU A 280 -17.89 10.05 -0.37
C GLU A 280 -18.83 9.27 0.56
N THR A 281 -18.42 9.26 1.84
CA THR A 281 -19.17 8.64 2.94
C THR A 281 -19.31 9.70 4.02
N ALA A 282 -20.35 9.58 4.84
CA ALA A 282 -20.54 10.48 5.99
C ALA A 282 -19.56 10.10 7.06
N SER A 283 -18.81 11.07 7.56
CA SER A 283 -17.69 10.76 8.47
C SER A 283 -17.20 12.02 9.18
N ALA A 284 -16.23 11.87 10.08
CA ALA A 284 -15.62 13.00 10.80
C ALA A 284 -14.80 13.87 9.82
N VAL A 285 -14.46 13.33 8.67
CA VAL A 285 -13.46 13.92 7.78
C VAL A 285 -13.95 14.20 6.37
N THR A 286 -15.27 14.09 6.15
CA THR A 286 -15.80 14.32 4.82
C THR A 286 -15.50 15.73 4.25
N GLU A 287 -15.46 16.74 5.12
CA GLU A 287 -15.08 18.10 4.68
C GLU A 287 -13.71 18.14 3.99
N ARG A 288 -12.78 17.25 4.37
CA ARG A 288 -11.47 17.16 3.74
C ARG A 288 -11.58 16.67 2.29
N LEU A 289 -12.52 15.75 2.06
CA LEU A 289 -12.78 15.22 0.70
C LEU A 289 -13.42 16.33 -0.16
N VAL A 290 -14.39 17.05 0.41
CA VAL A 290 -15.04 18.17 -0.30
C VAL A 290 -13.99 19.20 -0.73
N LEU A 291 -13.08 19.59 0.18
CA LEU A 291 -12.01 20.54 -0.16
C LEU A 291 -11.19 20.03 -1.35
N LEU A 292 -10.87 18.75 -1.35
CA LEU A 292 -9.99 18.20 -2.39
C LEU A 292 -10.68 18.11 -3.73
N ARG A 293 -11.94 17.67 -3.71
CA ARG A 293 -12.71 17.59 -4.94
C ARG A 293 -12.87 18.97 -5.58
N ASP A 294 -13.19 19.96 -4.75
CA ASP A 294 -13.36 21.31 -5.30
C ASP A 294 -12.05 21.82 -5.86
N TYR A 295 -10.96 21.55 -5.17
CA TYR A 295 -9.64 21.99 -5.64
C TYR A 295 -9.26 21.32 -6.97
N GLU A 296 -9.38 19.98 -7.03
CA GLU A 296 -8.93 19.26 -8.25
C GLU A 296 -9.86 19.48 -9.45
N SER A 297 -11.10 19.84 -9.19
CA SER A 297 -12.04 20.11 -10.25
C SER A 297 -11.63 21.33 -11.08
N LYS A 298 -10.75 22.17 -10.56
CA LYS A 298 -10.18 23.28 -11.31
C LYS A 298 -9.10 22.84 -12.30
N TYR A 299 -8.53 21.64 -12.10
N TYR A 299 -8.53 21.67 -12.07
CA TYR A 299 -7.37 21.13 -12.86
CA TYR A 299 -7.40 21.21 -12.86
C TYR A 299 -7.55 19.84 -13.66
C TYR A 299 -7.78 20.13 -13.89
N THR A 300 -8.75 19.28 -13.55
CA THR A 300 -9.20 18.27 -14.48
C THR A 300 -10.71 18.36 -14.55
N PRO A 301 -11.29 18.28 -15.78
CA PRO A 301 -12.74 18.28 -15.92
C PRO A 301 -13.38 16.89 -15.67
N PHE A 302 -12.54 15.91 -15.50
CA PHE A 302 -12.95 14.52 -15.41
C PHE A 302 -12.98 14.04 -13.96
N THR A 303 -13.92 14.62 -13.22
CA THR A 303 -14.14 14.25 -11.83
C THR A 303 -15.53 13.63 -11.64
N TYR A 304 -15.59 12.71 -10.72
CA TYR A 304 -16.82 11.95 -10.44
C TYR A 304 -16.89 11.66 -8.98
N THR A 305 -18.12 11.52 -8.47
CA THR A 305 -18.33 11.13 -7.08
C THR A 305 -19.20 9.88 -7.03
N VAL A 306 -18.88 8.99 -6.09
CA VAL A 306 -19.75 7.84 -5.77
C VAL A 306 -20.14 8.02 -4.32
N LYS A 307 -21.45 8.03 -4.06
CA LYS A 307 -21.93 8.23 -2.70
C LYS A 307 -23.25 7.53 -2.47
N PHE A 308 -23.65 7.45 -1.21
CA PHE A 308 -24.92 6.84 -0.85
C PHE A 308 -25.96 7.90 -0.66
N GLY A 309 -27.20 7.55 -1.00
CA GLY A 309 -28.37 8.27 -0.53
C GLY A 309 -28.91 9.29 -1.50
N LYS A 310 -28.15 10.37 -1.70
CA LYS A 310 -28.55 11.49 -2.54
C LYS A 310 -27.29 12.12 -3.09
N GLY A 311 -27.41 12.83 -4.20
CA GLY A 311 -26.23 13.44 -4.82
C GLY A 311 -26.48 14.85 -5.32
N GLU A 312 -25.39 15.61 -5.47
CA GLU A 312 -25.45 17.01 -5.85
C GLU A 312 -25.87 17.25 -7.32
N ASP A 313 -25.37 16.40 -8.21
CA ASP A 313 -25.50 16.63 -9.64
C ASP A 313 -25.23 15.32 -10.38
N ASP A 314 -25.28 15.39 -11.72
CA ASP A 314 -25.19 14.17 -12.54
C ASP A 314 -23.78 13.63 -12.72
N ARG A 315 -22.79 14.24 -12.05
CA ARG A 315 -21.43 13.69 -11.97
C ARG A 315 -21.26 12.87 -10.69
N THR A 316 -22.36 12.72 -9.96
CA THR A 316 -22.44 11.80 -8.81
C THR A 316 -23.30 10.56 -9.14
N LEU A 317 -22.72 9.40 -8.81
CA LEU A 317 -23.36 8.13 -8.92
C LEU A 317 -23.90 7.84 -7.53
N VAL A 318 -25.23 7.78 -7.45
CA VAL A 318 -25.94 7.66 -6.19
C VAL A 318 -26.37 6.21 -5.91
N ILE A 319 -25.73 5.59 -4.91
CA ILE A 319 -26.09 4.23 -4.51
C ILE A 319 -27.33 4.37 -3.61
N PRO A 320 -28.47 3.79 -3.99
CA PRO A 320 -29.76 4.13 -3.39
C PRO A 320 -30.08 3.31 -2.14
N THR A 321 -29.19 3.38 -1.15
CA THR A 321 -29.50 2.85 0.16
C THR A 321 -28.69 3.63 1.22
N ASP A 322 -29.02 3.41 2.48
CA ASP A 322 -28.40 4.13 3.57
C ASP A 322 -27.47 3.15 4.24
N LEU A 323 -26.17 3.21 3.92
CA LEU A 323 -25.13 2.48 4.66
C LEU A 323 -24.23 3.50 5.30
N ASP A 324 -23.78 3.19 6.53
CA ASP A 324 -22.81 4.05 7.20
C ASP A 324 -21.41 3.80 6.59
N GLU A 325 -20.43 4.60 7.02
CA GLU A 325 -19.11 4.51 6.36
C GLU A 325 -18.48 3.13 6.57
N TYR A 326 -18.71 2.49 7.71
CA TYR A 326 -18.15 1.19 7.98
C TYR A 326 -18.75 0.06 7.18
N GLN A 327 -20.06 0.14 6.92
CA GLN A 327 -20.76 -0.83 6.12
C GLN A 327 -20.55 -0.61 4.61
N ALA A 328 -20.32 0.66 4.26
CA ALA A 328 -20.28 1.10 2.87
C ALA A 328 -19.49 0.23 1.92
N PRO A 329 -18.29 -0.21 2.32
CA PRO A 329 -17.53 -1.00 1.32
C PRO A 329 -18.15 -2.27 0.79
N PHE A 330 -19.19 -2.80 1.46
CA PHE A 330 -19.88 -3.95 0.92
C PHE A 330 -20.51 -3.62 -0.47
N LEU A 331 -21.16 -2.48 -0.54
CA LEU A 331 -21.87 -2.12 -1.77
C LEU A 331 -21.09 -1.12 -2.60
N MSE A 332 -20.19 -0.34 -1.98
CA MSE A 332 -19.53 0.73 -2.72
C MSE A 332 -18.61 0.23 -3.85
O MSE A 332 -18.32 0.97 -4.83
CB MSE A 332 -18.79 1.64 -1.82
CB MSE A 332 -18.73 1.63 -1.78
CG MSE A 332 -18.81 3.02 -2.32
CG MSE A 332 -17.86 2.77 -2.43
SE MSE A 332 -17.98 4.14 -0.98
SE MSE A 332 -18.76 4.49 -2.57
CE MSE A 332 -18.86 5.83 -1.45
CE MSE A 332 -18.54 4.88 -0.68
N ILE A 333 -18.16 -1.02 -3.76
CA ILE A 333 -17.39 -1.61 -4.83
C ILE A 333 -18.21 -1.91 -6.09
N LEU A 334 -19.50 -2.16 -5.92
CA LEU A 334 -20.33 -2.71 -7.01
C LEU A 334 -20.32 -1.80 -8.28
N PRO A 335 -20.50 -0.48 -8.10
CA PRO A 335 -20.38 0.36 -9.30
C PRO A 335 -19.05 0.21 -10.04
N PHE A 336 -17.95 0.02 -9.29
CA PHE A 336 -16.62 -0.08 -9.92
C PHE A 336 -16.42 -1.39 -10.62
N GLN A 337 -17.06 -2.45 -10.11
CA GLN A 337 -16.97 -3.77 -10.78
C GLN A 337 -17.59 -3.64 -12.17
N ILE A 338 -18.76 -3.02 -12.22
CA ILE A 338 -19.49 -2.74 -13.48
C ILE A 338 -18.69 -1.79 -14.39
N LEU A 339 -18.20 -0.70 -13.82
CA LEU A 339 -17.40 0.25 -14.61
C LEU A 339 -16.13 -0.36 -15.19
N ALA A 340 -15.46 -1.22 -14.41
CA ALA A 340 -14.27 -1.89 -14.91
C ALA A 340 -14.62 -2.69 -16.15
N HIS A 341 -15.66 -3.51 -16.04
CA HIS A 341 -16.12 -4.28 -17.17
C HIS A 341 -16.43 -3.40 -18.39
N HIS A 342 -17.29 -2.44 -18.14
CA HIS A 342 -17.84 -1.65 -19.25
C HIS A 342 -16.77 -0.81 -19.95
N ILE A 343 -15.91 -0.18 -19.17
CA ILE A 343 -14.86 0.68 -19.72
C ILE A 343 -13.85 -0.19 -20.44
N ALA A 344 -13.53 -1.37 -19.89
CA ALA A 344 -12.59 -2.27 -20.58
C ALA A 344 -13.12 -2.67 -21.95
N GLU A 345 -14.39 -3.01 -21.99
CA GLU A 345 -15.01 -3.47 -23.23
C GLU A 345 -15.13 -2.29 -24.22
N LEU A 346 -15.42 -1.11 -23.69
CA LEU A 346 -15.43 0.11 -24.51
C LEU A 346 -14.10 0.38 -25.19
N LYS A 347 -13.02 0.12 -24.46
CA LYS A 347 -11.65 0.26 -24.98
C LYS A 347 -11.23 -0.86 -25.94
N GLY A 348 -12.10 -1.83 -26.14
CA GLY A 348 -11.78 -2.94 -27.07
C GLY A 348 -10.94 -4.01 -26.44
N ASN A 349 -10.96 -4.10 -25.12
CA ASN A 349 -10.02 -5.00 -24.43
C ASN A 349 -10.46 -6.45 -24.41
N LYS A 350 -11.65 -6.74 -24.91
CA LYS A 350 -12.09 -8.15 -25.12
C LYS A 350 -11.82 -9.04 -23.90
N LEU A 351 -12.53 -8.82 -22.80
CA LEU A 351 -12.23 -9.51 -21.57
C LEU A 351 -12.49 -11.01 -21.57
N THR A 352 -13.23 -11.51 -22.55
CA THR A 352 -13.38 -12.97 -22.59
C THR A 352 -12.15 -13.61 -23.20
N GLU A 353 -11.25 -12.84 -23.81
CA GLU A 353 -9.96 -13.36 -24.33
C GLU A 353 -8.91 -13.38 -23.22
N ARG A 354 -8.56 -14.57 -22.72
CA ARG A 354 -7.66 -14.69 -21.57
C ARG A 354 -6.23 -14.32 -21.94
N ILE A 355 -5.53 -13.67 -21.01
CA ILE A 355 -4.17 -13.24 -21.24
C ILE A 355 -3.25 -13.76 -20.13
N TYR A 356 -1.97 -13.91 -20.49
CA TYR A 356 -0.96 -14.34 -19.51
C TYR A 356 -1.38 -15.60 -18.70
N THR A 357 -1.96 -16.62 -19.39
CA THR A 357 -2.58 -17.71 -18.63
C THR A 357 -1.59 -18.70 -18.04
N ASP A 358 -0.34 -18.64 -18.50
CA ASP A 358 0.74 -19.48 -17.97
C ASP A 358 1.40 -18.90 -16.72
N PHE A 359 1.07 -17.65 -16.40
CA PHE A 359 1.79 -16.87 -15.37
C PHE A 359 1.76 -17.48 -13.98
N GLY A 360 0.59 -17.81 -13.45
CA GLY A 360 0.52 -18.24 -12.09
C GLY A 360 1.38 -19.44 -11.80
N VAL A 361 1.33 -20.42 -12.67
CA VAL A 361 2.12 -21.62 -12.48
C VAL A 361 3.61 -21.35 -12.76
N ALA A 362 3.91 -20.65 -13.83
CA ALA A 362 5.32 -20.38 -14.16
C ALA A 362 6.02 -19.58 -13.08
N MSE A 363 5.32 -18.63 -12.50
CA MSE A 363 5.90 -17.73 -11.52
C MSE A 363 5.82 -18.30 -10.11
O MSE A 363 6.33 -17.69 -9.18
CB MSE A 363 5.17 -16.38 -11.57
CG MSE A 363 5.33 -15.70 -12.87
SE MSE A 363 7.19 -15.23 -13.29
CE MSE A 363 7.71 -16.71 -14.50
N LYS A 364 5.22 -19.48 -9.97
CA LYS A 364 5.16 -20.22 -8.70
C LYS A 364 4.22 -19.49 -7.71
N SER A 365 3.33 -18.62 -8.20
CA SER A 365 2.37 -17.92 -7.37
C SER A 365 1.03 -18.67 -7.18
N LYS A 366 0.76 -19.66 -8.04
CA LYS A 366 -0.44 -20.50 -7.99
C LYS A 366 -0.06 -21.95 -8.05
N THR A 367 -0.82 -22.78 -7.37
CA THR A 367 -0.52 -24.20 -7.31
C THR A 367 -0.90 -24.93 -8.60
N LYS A 368 -1.85 -24.37 -9.35
CA LYS A 368 -2.45 -24.99 -10.55
C LYS A 368 -2.87 -23.93 -11.55
N PRO A 369 -3.08 -24.29 -12.83
CA PRO A 369 -3.70 -23.36 -13.77
C PRO A 369 -5.06 -22.85 -13.23
N GLY A 370 -5.41 -21.62 -13.56
CA GLY A 370 -6.71 -21.04 -13.20
C GLY A 370 -7.82 -21.81 -13.88
N ASP A 371 -8.93 -21.99 -13.19
CA ASP A 371 -10.09 -22.63 -13.78
C ASP A 371 -10.98 -21.56 -14.40
N TYR A 372 -10.67 -21.20 -15.64
CA TYR A 372 -11.31 -20.03 -16.27
C TYR A 372 -11.98 -20.43 -17.54
N ALA A 373 -13.20 -19.91 -17.69
CA ALA A 373 -14.04 -20.14 -18.85
C ALA A 373 -13.41 -19.50 -20.07
N MSE B 13 21.08 31.30 -9.24
CA MSE B 13 20.59 29.97 -9.72
C MSE B 13 19.88 29.22 -8.62
O MSE B 13 20.44 29.02 -7.55
CB MSE B 13 21.75 29.11 -10.20
CG MSE B 13 22.37 29.57 -11.52
SE MSE B 13 21.46 28.76 -13.08
CE MSE B 13 22.24 26.93 -12.89
N LYS B 14 18.66 28.78 -8.90
CA LYS B 14 17.89 28.01 -7.92
C LYS B 14 18.53 26.62 -7.74
N PRO B 15 18.51 26.08 -6.51
CA PRO B 15 18.93 24.68 -6.39
C PRO B 15 17.99 23.76 -7.18
N THR B 16 18.54 22.62 -7.58
CA THR B 16 17.77 21.56 -8.19
C THR B 16 17.89 20.25 -7.38
N MSE B 17 17.19 19.20 -7.80
CA MSE B 17 17.37 17.92 -7.14
C MSE B 17 18.85 17.53 -7.20
O MSE B 17 19.39 16.90 -6.28
CB MSE B 17 16.57 16.85 -7.85
CG MSE B 17 15.06 17.01 -7.66
SE MSE B 17 13.98 15.79 -8.70
CE MSE B 17 14.31 14.15 -7.74
N MSE B 18 19.51 17.85 -8.32
CA MSE B 18 20.94 17.50 -8.44
C MSE B 18 21.82 18.22 -7.41
O MSE B 18 22.81 17.63 -6.94
CB MSE B 18 21.51 17.70 -9.85
CG MSE B 18 21.03 16.74 -10.94
SE MSE B 18 21.19 14.85 -10.50
CE MSE B 18 23.01 14.69 -10.33
N THR B 19 21.51 19.47 -7.11
CA THR B 19 22.20 20.16 -6.05
C THR B 19 22.26 19.29 -4.79
N TYR B 20 21.11 18.74 -4.42
CA TYR B 20 21.01 17.96 -3.19
C TYR B 20 21.56 16.55 -3.29
N ILE B 21 21.38 15.92 -4.45
CA ILE B 21 21.97 14.62 -4.68
C ILE B 21 23.48 14.72 -4.51
N ASN B 22 24.06 15.79 -5.02
CA ASN B 22 25.51 15.99 -4.94
C ASN B 22 26.03 16.28 -3.53
N GLU B 23 25.13 16.61 -2.63
CA GLU B 23 25.42 16.89 -1.23
C GLU B 23 25.28 15.63 -0.37
N GLU B 24 24.70 14.55 -0.91
CA GLU B 24 24.46 13.37 -0.07
C GLU B 24 25.71 12.73 0.51
N GLU B 25 26.78 12.64 -0.25
CA GLU B 25 28.00 11.95 0.20
C GLU B 25 28.51 12.60 1.50
N GLU B 26 28.77 13.90 1.49
CA GLU B 26 29.25 14.54 2.72
C GLU B 26 28.24 14.48 3.87
N MSE B 27 26.96 14.72 3.54
CA MSE B 27 25.90 14.64 4.53
C MSE B 27 25.93 13.27 5.24
O MSE B 27 25.87 13.21 6.49
CB MSE B 27 24.55 14.89 3.90
CG MSE B 27 23.35 14.74 4.85
SE MSE B 27 21.72 14.62 3.81
CE MSE B 27 21.97 12.77 3.28
N CYS B 28 26.05 12.19 4.49
CA CYS B 28 26.01 10.86 5.09
C CYS B 28 27.30 10.61 5.86
N ARG B 29 28.45 11.13 5.37
CA ARG B 29 29.71 10.95 6.10
C ARG B 29 29.53 11.51 7.52
N VAL B 30 28.91 12.70 7.61
CA VAL B 30 28.71 13.39 8.86
C VAL B 30 27.72 12.60 9.76
N ILE B 31 26.65 12.14 9.19
CA ILE B 31 25.65 11.34 9.93
C ILE B 31 26.31 10.08 10.51
N LEU B 32 27.11 9.41 9.70
CA LEU B 32 27.79 8.20 10.19
C LEU B 32 28.83 8.47 11.27
N ALA B 33 29.45 9.66 11.25
CA ALA B 33 30.41 10.00 12.24
C ALA B 33 29.73 10.36 13.55
N ASP B 34 28.47 10.82 13.50
CA ASP B 34 27.83 11.42 14.67
C ASP B 34 26.55 10.71 15.15
N PHE B 35 26.24 9.51 14.69
CA PHE B 35 24.92 8.93 14.98
C PHE B 35 24.65 8.48 16.41
N GLN B 36 25.69 8.25 17.19
CA GLN B 36 25.52 7.70 18.54
C GLN B 36 24.82 8.68 19.49
N THR B 37 24.99 9.97 19.25
CA THR B 37 24.39 10.93 20.17
C THR B 37 22.85 10.97 20.07
N ASN B 38 22.30 10.95 18.86
CA ASN B 38 20.85 10.85 18.73
C ASN B 38 20.38 9.50 19.26
N ALA B 39 21.13 8.42 18.96
CA ALA B 39 20.72 7.10 19.44
C ALA B 39 20.70 7.07 20.98
N GLU B 40 21.67 7.70 21.62
CA GLU B 40 21.70 7.74 23.09
C GLU B 40 20.48 8.49 23.67
N LYS B 41 20.11 9.58 23.00
CA LYS B 41 18.91 10.34 23.40
C LYS B 41 17.64 9.46 23.37
N LEU B 42 17.47 8.74 22.27
CA LEU B 42 16.34 7.81 22.16
C LEU B 42 16.40 6.73 23.26
N GLU B 43 17.58 6.10 23.42
CA GLU B 43 17.77 5.02 24.40
C GLU B 43 17.43 5.39 25.84
N SER B 44 17.71 6.64 26.16
CA SER B 44 17.47 7.14 27.51
C SER B 44 15.98 7.13 27.82
N LEU B 45 15.13 7.20 26.80
CA LEU B 45 13.66 7.14 27.03
C LEU B 45 13.15 5.73 27.29
N VAL B 46 13.91 4.73 26.85
CA VAL B 46 13.49 3.33 26.92
C VAL B 46 14.65 2.46 27.40
N LYS B 47 15.04 2.68 28.66
CA LYS B 47 16.29 2.10 29.19
C LYS B 47 16.27 0.57 29.35
N ASN B 48 15.07 0.00 29.37
CA ASN B 48 14.88 -1.44 29.43
C ASN B 48 14.58 -2.05 28.05
N GLY B 49 14.87 -1.33 26.96
CA GLY B 49 14.50 -1.82 25.64
C GLY B 49 13.08 -1.40 25.26
N ALA B 50 12.69 -1.76 24.05
CA ALA B 50 11.39 -1.34 23.55
C ALA B 50 11.09 -2.30 22.42
N LYS B 51 10.29 -3.34 22.73
CA LYS B 51 10.02 -4.40 21.77
C LYS B 51 9.07 -4.00 20.64
N GLU B 52 8.10 -3.13 20.91
CA GLU B 52 7.05 -2.78 19.92
C GLU B 52 7.07 -1.28 19.64
N TRP B 53 7.40 -0.93 18.39
CA TRP B 53 7.49 0.46 17.95
C TRP B 53 6.38 0.76 16.96
N LEU B 54 5.85 1.99 17.04
CA LEU B 54 4.92 2.56 16.05
C LEU B 54 5.57 3.77 15.42
N ILE B 55 5.67 3.76 14.09
CA ILE B 55 6.11 4.91 13.34
C ILE B 55 4.93 5.52 12.60
N LEU B 56 4.76 6.83 12.80
CA LEU B 56 3.70 7.66 12.18
C LEU B 56 4.38 8.62 11.22
N ALA B 57 4.05 8.51 9.94
CA ALA B 57 4.76 9.25 8.90
C ALA B 57 3.94 9.18 7.65
N THR B 58 4.15 10.14 6.77
CA THR B 58 3.45 10.08 5.48
C THR B 58 4.42 10.41 4.38
N GLY B 59 4.03 10.07 3.16
CA GLY B 59 4.85 10.40 1.99
C GLY B 59 6.26 9.86 2.06
N SER B 60 7.24 10.69 1.68
CA SER B 60 8.64 10.22 1.66
C SER B 60 9.14 9.79 3.05
N SER B 61 8.60 10.42 4.12
CA SER B 61 8.94 9.99 5.49
C SER B 61 8.45 8.55 5.78
N LEU B 62 7.24 8.21 5.33
CA LEU B 62 6.75 6.86 5.46
C LEU B 62 7.59 5.91 4.63
N ASN B 63 7.89 6.33 3.38
CA ASN B 63 8.77 5.47 2.53
C ASN B 63 10.15 5.27 3.15
N ALA B 64 10.67 6.29 3.83
CA ALA B 64 11.95 6.14 4.52
C ALA B 64 11.88 5.13 5.66
N ALA B 65 10.84 5.24 6.44
CA ALA B 65 10.61 4.28 7.51
C ALA B 65 10.52 2.87 6.95
N GLN B 66 9.77 2.71 5.84
CA GLN B 66 9.62 1.37 5.25
C GLN B 66 10.96 0.85 4.75
N SER B 67 11.81 1.75 4.30
CA SER B 67 13.14 1.42 3.79
C SER B 67 14.07 0.97 4.86
N ALA B 68 13.92 1.46 6.09
CA ALA B 68 14.80 1.12 7.22
C ALA B 68 14.28 0.00 8.13
N LYS B 69 12.98 -0.31 8.05
CA LYS B 69 12.28 -1.15 9.01
C LYS B 69 12.99 -2.51 9.21
N TYR B 70 13.23 -3.25 8.12
CA TYR B 70 13.74 -4.58 8.27
C TYR B 70 15.18 -4.61 8.68
N TYR B 71 15.99 -3.59 8.35
CA TYR B 71 17.34 -3.47 8.90
C TYR B 71 17.31 -3.43 10.42
N ILE B 72 16.43 -2.57 10.96
CA ILE B 72 16.29 -2.39 12.38
C ILE B 72 15.85 -3.69 13.07
N GLU B 73 14.78 -4.29 12.52
CA GLU B 73 14.23 -5.52 13.06
C GLU B 73 15.20 -6.70 12.96
N ASN B 74 16.08 -6.68 11.98
CA ASN B 74 17.10 -7.74 11.81
C ASN B 74 18.14 -7.75 12.91
N LEU B 75 18.49 -6.58 13.39
CA LEU B 75 19.51 -6.44 14.42
C LEU B 75 19.00 -6.34 15.85
N ALA B 76 17.90 -5.61 16.04
CA ALA B 76 17.39 -5.33 17.36
C ALA B 76 16.21 -6.20 17.66
N ASP B 77 15.89 -6.33 18.95
CA ASP B 77 14.72 -7.08 19.37
C ASP B 77 13.50 -6.17 19.34
N VAL B 78 13.07 -5.87 18.12
CA VAL B 78 12.12 -4.82 17.84
C VAL B 78 11.19 -5.25 16.71
N ARG B 79 9.91 -4.92 16.88
CA ARG B 79 8.92 -5.03 15.82
C ARG B 79 8.37 -3.65 15.59
N ILE B 80 8.38 -3.24 14.34
CA ILE B 80 7.98 -1.90 13.91
C ILE B 80 6.68 -1.96 13.09
N THR B 81 5.68 -1.19 13.48
CA THR B 81 4.47 -0.95 12.69
C THR B 81 4.53 0.46 12.14
N ILE B 82 4.31 0.59 10.83
CA ILE B 82 4.33 1.91 10.14
C ILE B 82 2.90 2.27 9.74
N GLU B 83 2.42 3.44 10.15
CA GLU B 83 1.02 3.81 9.89
C GLU B 83 0.95 5.21 9.33
N GLU B 84 0.14 5.36 8.28
CA GLU B 84 -0.28 6.69 7.83
C GLU B 84 -0.99 7.42 8.96
N PRO B 85 -0.58 8.65 9.26
CA PRO B 85 -1.05 9.32 10.45
C PRO B 85 -2.49 9.86 10.44
N PHE B 86 -2.98 10.29 9.28
CA PHE B 86 -4.37 10.76 9.22
C PHE B 86 -5.29 9.54 9.49
N ASN B 87 -5.06 8.48 8.73
CA ASN B 87 -5.81 7.25 8.98
C ASN B 87 -5.70 6.79 10.45
N HIS B 88 -4.48 6.86 11.01
CA HIS B 88 -4.25 6.41 12.35
C HIS B 88 -5.09 7.18 13.33
N LEU B 89 -5.08 8.50 13.19
CA LEU B 89 -5.82 9.41 14.08
C LEU B 89 -7.32 9.12 14.04
N TYR B 90 -7.87 9.00 12.85
CA TYR B 90 -9.31 8.95 12.73
C TYR B 90 -9.90 7.55 12.78
N TYR B 91 -9.12 6.51 12.45
CA TYR B 91 -9.69 5.18 12.30
C TYR B 91 -9.02 4.07 13.13
N GLU B 92 -7.76 4.27 13.54
CA GLU B 92 -7.06 3.21 14.29
C GLU B 92 -7.16 3.38 15.79
N LYS B 93 -7.11 2.23 16.47
CA LYS B 93 -6.97 2.16 17.92
C LYS B 93 -5.50 2.04 18.27
N LEU B 94 -5.09 2.62 19.39
CA LEU B 94 -3.70 2.40 19.91
C LEU B 94 -3.56 0.99 20.50
N SER B 95 -2.50 0.26 20.13
CA SER B 95 -2.18 -1.03 20.77
C SER B 95 -1.83 -0.81 22.26
N SER B 96 -2.29 -1.71 23.13
CA SER B 96 -1.88 -1.71 24.55
C SER B 96 -0.44 -2.26 24.73
N HIS B 97 0.16 -2.78 23.66
CA HIS B 97 1.48 -3.39 23.75
C HIS B 97 2.61 -2.52 23.17
N LEU B 98 2.34 -1.25 22.96
CA LEU B 98 3.26 -0.30 22.35
C LEU B 98 4.30 0.22 23.36
N ASP B 99 5.58 0.24 22.97
CA ASP B 99 6.67 0.68 23.83
C ASP B 99 7.39 1.97 23.40
N LEU B 100 7.23 2.37 22.14
CA LEU B 100 7.87 3.56 21.62
C LEU B 100 7.10 3.99 20.39
N VAL B 101 6.89 5.31 20.29
CA VAL B 101 6.30 5.92 19.10
C VAL B 101 7.28 6.93 18.48
N ILE B 102 7.48 6.82 17.17
CA ILE B 102 8.31 7.79 16.45
C ILE B 102 7.46 8.47 15.39
N GLY B 103 7.42 9.80 15.42
CA GLY B 103 6.83 10.57 14.30
C GLY B 103 7.91 11.12 13.39
N ILE B 104 7.75 10.98 12.08
CA ILE B 104 8.81 11.44 11.14
C ILE B 104 8.19 12.40 10.15
N SER B 105 8.79 13.58 10.04
CA SER B 105 8.38 14.58 9.07
C SER B 105 9.62 15.40 8.75
N GLN B 106 10.06 15.40 7.48
CA GLN B 106 11.25 16.18 7.15
C GLN B 106 11.09 17.68 7.49
N SER B 107 9.97 18.25 7.06
CA SER B 107 9.67 19.65 7.30
C SER B 107 9.27 19.91 8.74
N GLY B 108 8.65 18.90 9.33
CA GLY B 108 8.07 19.05 10.65
C GLY B 108 6.73 19.78 10.60
N GLN B 109 6.20 19.93 9.39
CA GLN B 109 5.01 20.79 9.14
C GLN B 109 3.82 20.06 8.54
N SER B 110 3.88 18.74 8.44
CA SER B 110 2.74 17.93 7.97
C SER B 110 1.75 17.74 9.09
N THR B 111 0.56 18.31 8.90
CA THR B 111 -0.45 18.33 9.94
C THR B 111 -0.92 16.95 10.36
N SER B 112 -0.92 16.01 9.43
CA SER B 112 -1.43 14.69 9.78
C SER B 112 -0.48 14.05 10.78
N THR B 113 0.82 14.09 10.50
CA THR B 113 1.83 13.54 11.41
C THR B 113 1.81 14.22 12.77
N ILE B 114 1.71 15.54 12.75
CA ILE B 114 1.67 16.30 14.00
C ILE B 114 0.47 15.91 14.87
N SER B 115 -0.70 15.89 14.21
CA SER B 115 -1.94 15.60 14.90
C SER B 115 -2.01 14.17 15.46
N ALA B 116 -1.45 13.23 14.72
CA ALA B 116 -1.38 11.84 15.21
C ALA B 116 -0.50 11.73 16.45
N LEU B 117 0.63 12.43 16.47
CA LEU B 117 1.44 12.44 17.68
C LEU B 117 0.76 13.06 18.85
N GLU B 118 0.04 14.18 18.63
CA GLU B 118 -0.73 14.84 19.68
C GLU B 118 -1.70 13.83 20.31
N ARG B 119 -2.39 13.06 19.48
CA ARG B 119 -3.30 12.04 20.00
C ARG B 119 -2.57 11.00 20.87
N VAL B 120 -1.40 10.55 20.44
CA VAL B 120 -0.68 9.56 21.22
C VAL B 120 -0.24 10.20 22.56
N LYS B 121 0.24 11.46 22.53
CA LYS B 121 0.66 12.13 23.75
C LYS B 121 -0.51 12.30 24.72
N LYS B 122 -1.71 12.55 24.21
CA LYS B 122 -2.86 12.77 25.07
C LYS B 122 -3.42 11.45 25.63
N GLU B 123 -3.25 10.34 24.94
CA GLU B 123 -3.91 9.09 25.32
C GLU B 123 -3.03 8.09 26.01
N ALA B 124 -1.72 8.22 25.89
CA ALA B 124 -0.84 7.18 26.39
C ALA B 124 0.39 7.80 26.99
N SER B 125 1.07 7.02 27.82
CA SER B 125 2.26 7.49 28.49
C SER B 125 3.51 7.01 27.75
N VAL B 126 3.33 6.34 26.61
CA VAL B 126 4.45 5.80 25.85
C VAL B 126 5.40 6.95 25.43
N PRO B 127 6.72 6.71 25.46
CA PRO B 127 7.66 7.69 24.94
C PRO B 127 7.44 7.95 23.45
N VAL B 128 7.61 9.23 23.10
CA VAL B 128 7.40 9.76 21.77
C VAL B 128 8.65 10.52 21.33
N VAL B 129 9.17 10.07 20.20
CA VAL B 129 10.32 10.68 19.53
C VAL B 129 9.86 11.28 18.22
N ALA B 130 10.30 12.50 17.94
CA ALA B 130 10.09 13.11 16.62
C ALA B 130 11.42 13.12 15.89
N LEU B 131 11.36 12.83 14.60
CA LEU B 131 12.51 12.85 13.72
C LEU B 131 12.24 13.83 12.56
N THR B 132 13.13 14.82 12.37
CA THR B 132 12.86 15.92 11.42
C THR B 132 14.14 16.61 11.01
N SER B 133 14.09 17.41 9.95
CA SER B 133 15.23 18.24 9.59
C SER B 133 15.19 19.59 10.30
N ASP B 134 14.07 19.96 10.94
CA ASP B 134 13.96 21.22 11.68
C ASP B 134 13.41 20.93 13.08
N VAL B 135 14.31 20.87 14.04
CA VAL B 135 13.96 20.43 15.38
C VAL B 135 13.13 21.48 16.13
N THR B 136 13.04 22.70 15.58
CA THR B 136 12.16 23.75 16.11
C THR B 136 10.78 23.85 15.48
N SER B 137 10.47 22.95 14.56
CA SER B 137 9.20 22.93 13.88
C SER B 137 8.08 22.41 14.79
N GLU B 138 6.86 22.49 14.25
CA GLU B 138 5.63 22.19 14.96
C GLU B 138 5.58 20.75 15.51
N ILE B 139 6.21 19.81 14.82
CA ILE B 139 6.18 18.41 15.29
C ILE B 139 6.82 18.22 16.67
N ALA B 140 7.79 19.06 17.01
CA ALA B 140 8.47 18.99 18.31
C ALA B 140 7.54 19.13 19.52
N GLU B 141 6.44 19.86 19.34
CA GLU B 141 5.49 20.12 20.44
C GLU B 141 4.99 18.82 21.04
N PHE B 142 4.77 17.81 20.20
CA PHE B 142 4.11 16.59 20.66
C PHE B 142 5.04 15.40 20.78
N ALA B 143 6.33 15.65 21.05
CA ALA B 143 7.34 14.61 21.25
C ALA B 143 8.11 14.88 22.57
N ASP B 144 8.55 13.82 23.23
CA ASP B 144 9.40 13.93 24.40
C ASP B 144 10.79 14.36 24.02
N ILE B 145 11.30 13.86 22.91
CA ILE B 145 12.52 14.37 22.29
C ILE B 145 12.33 14.51 20.77
N THR B 146 13.02 15.49 20.19
CA THR B 146 13.04 15.73 18.78
C THR B 146 14.46 15.64 18.27
N LEU B 147 14.71 14.68 17.38
CA LEU B 147 15.99 14.40 16.77
C LEU B 147 16.11 14.89 15.34
N ASP B 148 17.34 15.25 14.98
CA ASP B 148 17.68 15.83 13.70
C ASP B 148 18.19 14.77 12.72
N ILE B 149 17.58 14.69 11.55
CA ILE B 149 17.95 13.71 10.54
C ILE B 149 19.31 14.05 9.90
N GLY B 150 19.77 15.28 10.06
CA GLY B 150 21.11 15.67 9.66
C GLY B 150 21.25 16.18 8.23
N SER B 151 20.14 16.57 7.62
CA SER B 151 20.13 17.01 6.23
C SER B 151 20.38 18.51 6.02
N GLY B 152 20.07 19.32 7.02
CA GLY B 152 19.84 20.74 6.81
C GLY B 152 18.56 20.99 6.04
N LYS B 153 18.34 22.26 5.70
CA LYS B 153 17.12 22.70 5.04
C LYS B 153 17.26 22.43 3.54
N GLU B 154 16.37 21.62 3.03
CA GLU B 154 16.39 21.20 1.61
C GLU B 154 15.30 22.08 0.92
N ARG B 155 15.72 22.99 0.04
CA ARG B 155 14.83 23.98 -0.57
C ARG B 155 14.22 23.55 -1.91
N VAL B 156 14.28 22.26 -2.22
CA VAL B 156 13.58 21.65 -3.33
C VAL B 156 12.59 20.65 -2.67
N GLY B 157 11.30 20.76 -3.01
CA GLY B 157 10.27 19.93 -2.41
C GLY B 157 10.29 18.48 -2.83
N TYR B 158 10.96 18.16 -3.95
CA TYR B 158 11.11 16.79 -4.42
C TYR B 158 12.35 16.28 -3.67
N VAL B 159 12.12 15.81 -2.45
CA VAL B 159 13.22 15.57 -1.53
C VAL B 159 14.11 14.44 -2.03
N THR B 160 15.41 14.64 -1.88
CA THR B 160 16.40 13.64 -2.19
C THR B 160 17.29 13.40 -0.98
N LYS B 161 18.17 14.35 -0.65
CA LYS B 161 19.08 14.17 0.49
C LYS B 161 18.32 13.96 1.81
N GLY B 162 17.19 14.65 1.97
CA GLY B 162 16.42 14.46 3.20
C GLY B 162 15.84 13.04 3.36
N PHE B 163 15.42 12.43 2.25
CA PHE B 163 14.95 11.05 2.27
C PHE B 163 16.11 10.17 2.70
N THR B 164 17.24 10.31 2.02
CA THR B 164 18.45 9.51 2.32
C THR B 164 18.92 9.67 3.78
N ALA B 165 18.88 10.93 4.25
CA ALA B 165 19.23 11.22 5.64
C ALA B 165 18.30 10.47 6.60
N THR B 166 17.02 10.44 6.29
CA THR B 166 16.06 9.78 7.17
C THR B 166 16.31 8.28 7.25
N VAL B 167 16.53 7.69 6.09
CA VAL B 167 16.81 6.26 6.03
C VAL B 167 18.07 5.90 6.80
N LEU B 168 19.13 6.65 6.53
CA LEU B 168 20.40 6.36 7.22
C LEU B 168 20.32 6.61 8.72
N THR B 169 19.67 7.71 9.12
CA THR B 169 19.52 8.01 10.54
C THR B 169 18.72 6.89 11.22
N LEU B 170 17.60 6.47 10.61
CA LEU B 170 16.84 5.34 11.16
C LEU B 170 17.66 4.07 11.31
N MSE B 171 18.39 3.70 10.26
CA MSE B 171 19.18 2.51 10.33
C MSE B 171 20.23 2.55 11.39
O MSE B 171 20.37 1.61 12.18
CB MSE B 171 19.84 2.21 9.00
CG MSE B 171 18.91 1.78 7.90
SE MSE B 171 19.87 1.47 6.21
CE MSE B 171 18.38 0.87 5.13
N LEU B 172 20.96 3.67 11.46
CA LEU B 172 22.06 3.76 12.43
C LEU B 172 21.55 3.83 13.87
N THR B 173 20.38 4.43 14.05
CA THR B 173 19.72 4.48 15.33
C THR B 173 19.38 3.07 15.76
N GLY B 174 18.84 2.27 14.85
CA GLY B 174 18.52 0.87 15.16
C GLY B 174 19.78 0.07 15.44
N LEU B 175 20.81 0.34 14.67
CA LEU B 175 22.12 -0.31 14.86
C LEU B 175 22.65 -0.08 16.27
N HIS B 176 22.68 1.17 16.67
CA HIS B 176 23.17 1.50 18.00
C HIS B 176 22.25 0.90 19.06
N PHE B 177 20.93 0.94 18.81
CA PHE B 177 19.96 0.39 19.79
C PHE B 177 20.20 -1.12 20.01
N ALA B 178 20.47 -1.83 18.92
CA ALA B 178 20.82 -3.25 18.97
C ALA B 178 22.07 -3.52 19.78
N TYR B 179 23.06 -2.68 19.60
CA TYR B 179 24.31 -2.81 20.31
C TYR B 179 24.09 -2.51 21.82
N LYS B 180 23.41 -1.41 22.12
CA LYS B 180 23.17 -0.99 23.51
C LYS B 180 22.32 -2.02 24.28
N THR B 181 21.38 -2.64 23.59
CA THR B 181 20.53 -3.69 24.20
C THR B 181 21.13 -5.10 24.12
N VAL B 182 22.41 -5.17 23.75
CA VAL B 182 23.17 -6.43 23.73
C VAL B 182 22.56 -7.49 22.79
N GLN B 183 22.00 -7.05 21.68
CA GLN B 183 21.49 -7.97 20.67
C GLN B 183 22.56 -8.32 19.62
N ILE B 184 23.53 -7.43 19.48
CA ILE B 184 24.73 -7.63 18.66
C ILE B 184 25.92 -7.19 19.46
N ASP B 185 27.08 -7.70 19.08
CA ASP B 185 28.29 -7.38 19.78
C ASP B 185 29.08 -6.30 19.07
N GLU B 186 30.20 -5.89 19.65
CA GLU B 186 31.05 -4.84 19.09
C GLU B 186 31.55 -5.11 17.67
N THR B 187 31.94 -6.35 17.40
CA THR B 187 32.39 -6.71 16.09
C THR B 187 31.32 -6.48 15.04
N ARG B 188 30.10 -6.96 15.30
CA ARG B 188 29.02 -6.75 14.34
C ARG B 188 28.71 -5.24 14.17
N PHE B 189 28.71 -4.52 15.29
CA PHE B 189 28.50 -3.09 15.29
C PHE B 189 29.50 -2.39 14.37
N ASN B 190 30.77 -2.70 14.55
CA ASN B 190 31.80 -2.06 13.77
C ASN B 190 31.77 -2.49 12.32
N ASN B 191 31.41 -3.76 12.07
CA ASN B 191 31.35 -4.23 10.70
C ASN B 191 30.21 -3.59 9.95
N GLU B 192 29.10 -3.31 10.64
CA GLU B 192 28.02 -2.54 10.04
C GLU B 192 28.45 -1.11 9.67
N ILE B 193 29.14 -0.46 10.59
CA ILE B 193 29.68 0.89 10.32
C ILE B 193 30.59 0.83 9.09
N SER B 194 31.43 -0.20 9.01
CA SER B 194 32.30 -0.34 7.81
C SER B 194 31.54 -0.47 6.51
N ALA B 195 30.41 -1.21 6.55
CA ALA B 195 29.61 -1.38 5.36
C ALA B 195 29.04 -0.03 4.90
N PHE B 196 28.52 0.74 5.86
CA PHE B 196 27.99 2.05 5.51
C PHE B 196 29.09 3.00 5.02
N SER B 197 30.27 2.88 5.59
CA SER B 197 31.38 3.73 5.17
C SER B 197 31.74 3.42 3.71
N ARG B 198 31.83 2.13 3.37
CA ARG B 198 32.10 1.74 1.99
C ARG B 198 31.00 2.23 1.04
N ALA B 199 29.75 2.18 1.50
CA ALA B 199 28.62 2.61 0.65
C ALA B 199 28.70 4.12 0.36
N ILE B 200 29.08 4.90 1.38
CA ILE B 200 29.23 6.35 1.25
C ILE B 200 30.36 6.64 0.27
N ASP B 201 31.45 5.89 0.39
CA ASP B 201 32.58 6.02 -0.53
C ASP B 201 32.17 5.75 -2.00
N ALA B 202 31.16 4.90 -2.17
CA ALA B 202 30.67 4.52 -3.51
C ALA B 202 29.64 5.49 -4.07
N ILE B 203 29.32 6.58 -3.34
CA ILE B 203 28.21 7.48 -3.81
C ILE B 203 28.60 8.16 -5.14
N PRO B 204 29.79 8.78 -5.23
CA PRO B 204 30.11 9.42 -6.53
C PRO B 204 30.13 8.46 -7.73
N ALA B 205 30.66 7.25 -7.50
CA ALA B 205 30.68 6.26 -8.57
C ALA B 205 29.28 5.77 -8.95
N THR B 206 28.40 5.77 -7.95
CA THR B 206 27.00 5.40 -8.17
C THR B 206 26.32 6.48 -9.03
N ILE B 207 26.59 7.75 -8.70
CA ILE B 207 26.07 8.86 -9.53
C ILE B 207 26.56 8.69 -10.95
N ALA B 208 27.86 8.42 -11.11
CA ALA B 208 28.50 8.27 -12.43
C ALA B 208 27.92 7.13 -13.25
N GLU B 209 27.70 6.01 -12.58
CA GLU B 209 27.08 4.85 -13.22
C GLU B 209 25.66 5.17 -13.66
N THR B 210 24.92 5.91 -12.85
CA THR B 210 23.54 6.26 -13.19
C THR B 210 23.51 7.24 -14.38
N GLU B 211 24.44 8.17 -14.37
CA GLU B 211 24.58 9.05 -15.53
C GLU B 211 24.82 8.25 -16.79
N ALA B 212 25.75 7.29 -16.73
CA ALA B 212 26.04 6.46 -17.89
C ALA B 212 24.82 5.66 -18.38
N PHE B 213 24.10 5.11 -17.41
CA PHE B 213 22.90 4.31 -17.71
C PHE B 213 21.82 5.19 -18.34
N TYR B 214 21.59 6.36 -17.74
CA TYR B 214 20.64 7.30 -18.28
C TYR B 214 21.01 7.70 -19.72
N GLU B 215 22.28 8.06 -19.95
CA GLU B 215 22.68 8.44 -21.30
C GLU B 215 22.46 7.32 -22.30
N ARG B 216 22.75 6.10 -21.88
CA ARG B 216 22.57 4.94 -22.75
C ARG B 216 21.11 4.71 -23.12
N TRP B 217 20.20 4.87 -22.15
CA TRP B 217 18.77 4.48 -22.35
C TRP B 217 17.82 5.66 -22.49
N GLN B 218 18.35 6.87 -22.65
CA GLN B 218 17.45 8.06 -22.63
C GLN B 218 16.36 8.01 -23.70
N GLU B 219 16.66 7.45 -24.87
CA GLU B 219 15.64 7.39 -25.94
C GLU B 219 14.48 6.51 -25.52
N GLU B 220 14.70 5.57 -24.60
CA GLU B 220 13.61 4.71 -24.07
C GLU B 220 12.77 5.40 -23.04
N PHE B 221 13.25 6.53 -22.52
CA PHE B 221 12.54 7.19 -21.44
C PHE B 221 11.71 8.37 -21.93
N ALA B 222 12.10 8.95 -23.06
CA ALA B 222 11.50 10.20 -23.48
C ALA B 222 9.98 10.12 -23.63
N THR B 223 9.49 9.01 -24.15
CA THR B 223 8.03 8.85 -24.39
C THR B 223 7.46 7.66 -23.62
N ALA B 224 8.16 7.23 -22.58
CA ALA B 224 7.65 6.14 -21.75
C ALA B 224 6.35 6.60 -21.12
N PRO B 225 5.26 5.81 -21.26
CA PRO B 225 3.95 6.18 -20.73
C PRO B 225 3.68 5.71 -19.33
N LYS B 226 4.54 4.83 -18.83
CA LYS B 226 4.32 4.21 -17.52
C LYS B 226 5.66 3.69 -17.05
N PHE B 227 5.94 3.88 -15.75
CA PHE B 227 7.10 3.27 -15.11
C PHE B 227 6.66 2.38 -13.96
N THR B 228 7.38 1.28 -13.77
CA THR B 228 7.16 0.36 -12.61
C THR B 228 8.49 -0.05 -12.04
N ALA B 229 8.55 -0.11 -10.70
CA ALA B 229 9.70 -0.63 -9.98
C ALA B 229 9.23 -1.74 -9.10
N ILE B 230 9.94 -2.86 -9.17
CA ILE B 230 9.55 -4.08 -8.43
C ILE B 230 10.68 -4.43 -7.47
N GLY B 231 10.34 -4.67 -6.22
CA GLY B 231 11.27 -5.00 -5.15
C GLY B 231 10.64 -5.97 -4.18
N TYR B 232 11.33 -6.19 -3.06
CA TYR B 232 10.83 -7.15 -2.09
C TYR B 232 11.55 -6.91 -0.78
N GLY B 233 10.86 -7.28 0.29
CA GLY B 233 11.41 -7.08 1.60
C GLY B 233 11.83 -5.64 1.83
N PRO B 234 13.09 -5.41 2.24
CA PRO B 234 13.57 -4.00 2.43
C PRO B 234 13.36 -3.08 1.26
N THR B 235 13.47 -3.57 0.03
CA THR B 235 13.44 -2.69 -1.14
C THR B 235 12.05 -2.31 -1.55
N VAL B 236 11.00 -2.82 -0.89
CA VAL B 236 9.67 -2.27 -1.13
C VAL B 236 9.65 -0.77 -0.72
N GLY B 237 10.37 -0.39 0.34
CA GLY B 237 10.46 1.05 0.72
C GLY B 237 11.10 1.86 -0.41
N THR B 238 12.10 1.29 -1.08
CA THR B 238 12.74 1.95 -2.21
C THR B 238 11.73 2.08 -3.37
N CYS B 239 10.95 1.04 -3.63
CA CYS B 239 9.94 1.12 -4.68
C CYS B 239 8.89 2.19 -4.37
N LYS B 240 8.51 2.35 -3.10
CA LYS B 240 7.49 3.37 -2.74
C LYS B 240 8.09 4.77 -2.97
N GLU B 241 9.38 4.97 -2.66
CA GLU B 241 9.99 6.30 -2.89
C GLU B 241 10.23 6.54 -4.39
N PHE B 242 10.55 5.49 -5.14
CA PHE B 242 10.53 5.60 -6.60
C PHE B 242 9.19 6.14 -7.08
N GLU B 243 8.10 5.53 -6.59
CA GLU B 243 6.75 5.93 -6.97
C GLU B 243 6.51 7.40 -6.66
N THR B 244 6.84 7.80 -5.43
CA THR B 244 6.63 9.17 -4.99
C THR B 244 7.43 10.11 -5.86
N LYS B 245 8.71 9.81 -6.00
CA LYS B 245 9.58 10.69 -6.82
C LYS B 245 9.15 10.78 -8.27
N PHE B 246 8.91 9.63 -8.90
CA PHE B 246 8.52 9.67 -10.35
C PHE B 246 7.18 10.34 -10.56
N SER B 247 6.23 10.06 -9.69
CA SER B 247 4.90 10.68 -9.77
C SER B 247 4.99 12.21 -9.74
N GLU B 248 5.89 12.74 -8.88
CA GLU B 248 5.95 14.17 -8.58
C GLU B 248 6.68 14.93 -9.65
N THR B 249 7.61 14.26 -10.36
CA THR B 249 8.61 14.95 -11.21
C THR B 249 8.45 14.56 -12.68
N VAL B 250 8.59 13.28 -12.95
CA VAL B 250 8.38 12.72 -14.30
C VAL B 250 6.88 12.90 -14.75
N ARG B 251 6.01 12.65 -13.76
CA ARG B 251 4.58 12.96 -13.86
C ARG B 251 3.82 12.10 -14.87
N VAL B 252 4.42 10.98 -15.25
CA VAL B 252 3.68 9.91 -15.89
C VAL B 252 3.38 8.86 -14.83
N PRO B 253 2.32 8.09 -15.06
CA PRO B 253 1.97 7.10 -14.07
C PRO B 253 3.15 6.16 -13.73
N SER B 254 3.41 6.00 -12.42
CA SER B 254 4.55 5.29 -11.96
C SER B 254 4.15 4.50 -10.71
N GLN B 255 4.55 3.25 -10.63
CA GLN B 255 4.16 2.38 -9.54
C GLN B 255 5.33 1.63 -8.97
N GLY B 256 5.40 1.56 -7.64
CA GLY B 256 6.37 0.78 -6.91
C GLY B 256 5.62 -0.37 -6.29
N LEU B 257 6.07 -1.59 -6.57
CA LEU B 257 5.30 -2.80 -6.17
C LEU B 257 6.19 -3.86 -5.57
N ASP B 258 5.68 -4.51 -4.55
CA ASP B 258 6.19 -5.78 -4.08
C ASP B 258 6.08 -6.89 -5.16
N LEU B 259 7.15 -7.65 -5.29
CA LEU B 259 7.28 -8.73 -6.20
C LEU B 259 6.09 -9.67 -6.25
N GLU B 260 5.62 -10.13 -5.10
CA GLU B 260 4.52 -11.08 -5.07
C GLU B 260 3.19 -10.34 -5.19
N ALA B 261 3.05 -9.12 -4.62
CA ALA B 261 1.83 -8.38 -4.92
C ALA B 261 1.61 -8.23 -6.43
N PHE B 262 2.69 -8.00 -7.16
CA PHE B 262 2.63 -7.84 -8.61
C PHE B 262 1.93 -9.01 -9.28
N MSE B 263 2.15 -10.18 -8.72
CA MSE B 263 1.65 -11.45 -9.24
C MSE B 263 0.15 -11.69 -9.04
O MSE B 263 -0.39 -12.73 -9.49
CB MSE B 263 2.46 -12.60 -8.66
CG MSE B 263 3.90 -12.53 -9.03
SE MSE B 263 4.97 -13.88 -8.16
CE MSE B 263 6.65 -13.25 -8.87
N HIS B 264 -0.53 -10.74 -8.38
CA HIS B 264 -1.96 -10.90 -8.10
C HIS B 264 -2.81 -9.73 -8.58
N GLY B 265 -2.36 -9.13 -9.68
CA GLY B 265 -3.15 -8.16 -10.39
C GLY B 265 -2.35 -7.36 -11.38
N PRO B 266 -1.35 -6.67 -10.90
CA PRO B 266 -0.57 -5.80 -11.76
C PRO B 266 0.01 -6.46 -13.01
N TYR B 267 0.36 -7.74 -12.95
CA TYR B 267 0.94 -8.37 -14.13
C TYR B 267 0.00 -8.33 -15.35
N LEU B 268 -1.30 -8.30 -15.08
CA LEU B 268 -2.30 -8.31 -16.13
C LEU B 268 -2.36 -6.99 -16.91
N GLU B 269 -1.80 -5.94 -16.35
CA GLU B 269 -1.75 -4.64 -16.99
C GLU B 269 -0.57 -4.56 -17.99
N VAL B 270 0.44 -5.40 -17.85
CA VAL B 270 1.64 -5.22 -18.63
C VAL B 270 1.33 -5.17 -20.13
N ASN B 271 1.93 -4.20 -20.80
CA ASN B 271 1.88 -4.06 -22.25
C ASN B 271 3.31 -3.75 -22.75
N PRO B 272 3.52 -3.87 -24.07
CA PRO B 272 4.90 -3.72 -24.57
C PRO B 272 5.53 -2.34 -24.42
N GLN B 273 4.76 -1.37 -23.93
CA GLN B 273 5.30 -0.05 -23.67
C GLN B 273 5.64 0.18 -22.18
N HIS B 274 5.41 -0.77 -21.31
CA HIS B 274 5.77 -0.57 -19.92
C HIS B 274 7.29 -0.51 -19.77
N ARG B 275 7.79 0.44 -19.01
CA ARG B 275 9.15 0.48 -18.60
C ARG B 275 9.22 -0.05 -17.16
N ILE B 276 9.95 -1.15 -16.96
CA ILE B 276 9.94 -1.87 -15.70
C ILE B 276 11.34 -2.04 -15.19
N PHE B 277 11.56 -1.53 -13.98
CA PHE B 277 12.81 -1.72 -13.25
C PHE B 277 12.68 -2.85 -12.24
N PHE B 278 13.65 -3.74 -12.21
CA PHE B 278 13.74 -4.83 -11.25
C PHE B 278 14.88 -4.48 -10.29
N LEU B 279 14.56 -4.42 -9.01
CA LEU B 279 15.54 -4.11 -7.98
C LEU B 279 15.99 -5.46 -7.45
N GLU B 280 17.25 -5.78 -7.64
CA GLU B 280 17.77 -7.12 -7.31
C GLU B 280 18.71 -7.04 -6.14
N THR B 281 18.39 -7.77 -5.06
CA THR B 281 19.23 -7.90 -3.89
C THR B 281 19.49 -9.36 -3.60
N ALA B 282 20.58 -9.66 -2.93
CA ALA B 282 20.84 -11.03 -2.52
C ALA B 282 19.92 -11.38 -1.39
N SER B 283 19.21 -12.48 -1.54
CA SER B 283 18.13 -12.87 -0.61
C SER B 283 17.75 -14.33 -0.78
N ALA B 284 16.82 -14.79 0.05
CA ALA B 284 16.25 -16.15 -0.06
C ALA B 284 15.27 -16.27 -1.21
N VAL B 285 14.89 -15.15 -1.84
CA VAL B 285 13.78 -15.13 -2.81
C VAL B 285 14.25 -14.53 -4.14
N THR B 286 15.55 -14.31 -4.34
CA THR B 286 16.02 -13.68 -5.58
C THR B 286 15.61 -14.47 -6.83
N GLU B 287 15.55 -15.79 -6.71
CA GLU B 287 15.15 -16.67 -7.81
C GLU B 287 13.75 -16.29 -8.35
N ARG B 288 12.90 -15.79 -7.45
CA ARG B 288 11.55 -15.38 -7.84
C ARG B 288 11.60 -14.11 -8.69
N LEU B 289 12.51 -13.19 -8.35
CA LEU B 289 12.70 -11.98 -9.15
C LEU B 289 13.25 -12.31 -10.56
N VAL B 290 14.24 -13.19 -10.60
CA VAL B 290 14.83 -13.66 -11.87
C VAL B 290 13.74 -14.25 -12.74
N LEU B 291 12.90 -15.11 -12.20
CA LEU B 291 11.79 -15.73 -12.99
C LEU B 291 10.92 -14.64 -13.59
N LEU B 292 10.54 -13.66 -12.77
CA LEU B 292 9.61 -12.61 -13.21
C LEU B 292 10.25 -11.68 -14.27
N ARG B 293 11.52 -11.33 -14.07
CA ARG B 293 12.23 -10.50 -15.06
C ARG B 293 12.33 -11.23 -16.41
N ASP B 294 12.68 -12.49 -16.37
CA ASP B 294 12.81 -13.27 -17.60
C ASP B 294 11.46 -13.35 -18.30
N TYR B 295 10.40 -13.54 -17.53
CA TYR B 295 9.05 -13.67 -18.09
C TYR B 295 8.60 -12.34 -18.72
N GLU B 296 8.70 -11.24 -17.98
CA GLU B 296 8.21 -9.97 -18.49
C GLU B 296 9.04 -9.41 -19.62
N SER B 297 10.33 -9.76 -19.65
CA SER B 297 11.21 -9.32 -20.75
C SER B 297 10.79 -9.87 -22.09
N LYS B 298 9.96 -10.90 -22.10
CA LYS B 298 9.37 -11.39 -23.36
C LYS B 298 8.26 -10.49 -23.90
N TYR B 299 7.66 -9.69 -23.02
CA TYR B 299 6.44 -8.92 -23.37
C TYR B 299 6.75 -7.40 -23.57
N THR B 300 7.72 -6.89 -22.82
CA THR B 300 8.20 -5.52 -22.99
C THR B 300 9.72 -5.54 -23.16
N PRO B 301 10.23 -4.80 -24.15
CA PRO B 301 11.69 -4.71 -24.34
C PRO B 301 12.33 -3.68 -23.39
N PHE B 302 11.51 -2.95 -22.64
CA PHE B 302 11.96 -1.86 -21.79
C PHE B 302 12.08 -2.31 -20.34
N THR B 303 13.04 -3.22 -20.12
CA THR B 303 13.32 -3.71 -18.76
C THR B 303 14.71 -3.32 -18.37
N TYR B 304 14.89 -3.15 -17.07
CA TYR B 304 16.15 -2.69 -16.50
C TYR B 304 16.29 -3.36 -15.16
N THR B 305 17.53 -3.56 -14.71
CA THR B 305 17.84 -4.04 -13.38
C THR B 305 18.75 -3.02 -12.68
N VAL B 306 18.49 -2.78 -11.38
CA VAL B 306 19.43 -2.08 -10.50
C VAL B 306 19.87 -3.10 -9.45
N LYS B 307 21.17 -3.25 -9.28
CA LYS B 307 21.68 -4.23 -8.33
C LYS B 307 23.07 -3.80 -7.84
N PHE B 308 23.57 -4.50 -6.84
CA PHE B 308 24.89 -4.24 -6.24
C PHE B 308 25.94 -5.18 -6.74
N GLY B 309 27.11 -4.62 -7.04
CA GLY B 309 28.36 -5.37 -7.14
C GLY B 309 28.67 -5.92 -8.52
N LYS B 310 27.75 -6.73 -9.04
CA LYS B 310 27.99 -7.50 -10.25
C LYS B 310 26.91 -7.17 -11.25
N GLY B 311 27.23 -7.17 -12.52
CA GLY B 311 26.20 -6.98 -13.53
C GLY B 311 26.55 -7.85 -14.68
N GLU B 312 25.60 -8.12 -15.56
CA GLU B 312 25.75 -9.10 -16.60
C GLU B 312 25.64 -8.43 -17.97
N ASP B 313 24.99 -7.27 -18.05
CA ASP B 313 24.73 -6.62 -19.34
C ASP B 313 24.46 -5.15 -19.16
N ASP B 314 24.35 -4.45 -20.28
CA ASP B 314 24.19 -2.99 -20.23
C ASP B 314 22.79 -2.50 -19.88
N ARG B 315 21.87 -3.43 -19.62
CA ARG B 315 20.56 -3.08 -19.09
C ARG B 315 20.47 -3.24 -17.58
N THR B 316 21.62 -3.48 -16.95
CA THR B 316 21.79 -3.50 -15.50
C THR B 316 22.66 -2.31 -15.06
N LEU B 317 22.12 -1.52 -14.14
CA LEU B 317 22.79 -0.41 -13.46
C LEU B 317 23.44 -1.04 -12.23
N VAL B 318 24.77 -1.08 -12.18
CA VAL B 318 25.47 -1.74 -11.10
C VAL B 318 25.97 -0.72 -10.09
N ILE B 319 25.40 -0.75 -8.90
CA ILE B 319 25.89 0.08 -7.79
C ILE B 319 27.22 -0.56 -7.31
N PRO B 320 28.34 0.15 -7.40
CA PRO B 320 29.67 -0.46 -7.22
C PRO B 320 30.10 -0.64 -5.75
N THR B 321 29.28 -1.30 -4.97
CA THR B 321 29.63 -1.67 -3.62
C THR B 321 28.77 -2.87 -3.27
N ASP B 322 29.05 -3.45 -2.14
CA ASP B 322 28.19 -4.49 -1.68
C ASP B 322 27.46 -4.03 -0.43
N LEU B 323 26.15 -4.23 -0.46
CA LEU B 323 25.30 -4.06 0.73
C LEU B 323 24.42 -5.29 0.76
N ASP B 324 24.09 -5.73 1.96
CA ASP B 324 23.12 -6.81 2.08
C ASP B 324 21.72 -6.25 1.84
N GLU B 325 20.70 -7.13 1.75
CA GLU B 325 19.40 -6.65 1.37
C GLU B 325 18.82 -5.65 2.38
N TYR B 326 19.15 -5.84 3.65
CA TYR B 326 18.67 -4.96 4.72
C TYR B 326 19.25 -3.56 4.64
N GLN B 327 20.55 -3.47 4.34
CA GLN B 327 21.23 -2.19 4.18
C GLN B 327 20.90 -1.50 2.83
N ALA B 328 20.62 -2.33 1.82
CA ALA B 328 20.52 -1.90 0.44
C ALA B 328 19.68 -0.62 0.19
N PRO B 329 18.50 -0.47 0.82
CA PRO B 329 17.70 0.70 0.55
C PRO B 329 18.36 2.04 0.78
N PHE B 330 19.41 2.10 1.59
CA PHE B 330 20.13 3.32 1.81
C PHE B 330 20.68 3.88 0.47
N LEU B 331 21.30 3.02 -0.30
CA LEU B 331 21.90 3.44 -1.56
C LEU B 331 21.07 3.10 -2.78
N MSE B 332 20.15 2.15 -2.67
CA MSE B 332 19.41 1.71 -3.86
C MSE B 332 18.49 2.80 -4.39
O MSE B 332 18.15 2.77 -5.57
CB MSE B 332 18.60 0.44 -3.55
CB MSE B 332 18.65 0.45 -3.62
CG MSE B 332 17.68 -0.11 -4.68
CG MSE B 332 18.64 -0.32 -4.86
SE MSE B 332 18.59 -1.35 -5.91
SE MSE B 332 17.95 -2.01 -4.34
CE MSE B 332 18.61 -2.77 -4.56
CE MSE B 332 18.67 -3.11 -5.75
N ILE B 333 18.09 3.73 -3.55
CA ILE B 333 17.25 4.85 -4.02
C ILE B 333 18.02 5.84 -4.88
N LEU B 334 19.32 5.94 -4.70
CA LEU B 334 20.09 7.01 -5.33
C LEU B 334 19.94 7.06 -6.86
N PRO B 335 20.11 5.90 -7.52
CA PRO B 335 19.88 5.95 -8.99
C PRO B 335 18.53 6.52 -9.39
N PHE B 336 17.49 6.18 -8.64
CA PHE B 336 16.14 6.64 -8.96
C PHE B 336 15.97 8.12 -8.70
N GLN B 337 16.64 8.67 -7.70
CA GLN B 337 16.62 10.11 -7.49
C GLN B 337 17.10 10.87 -8.71
N ILE B 338 18.22 10.36 -9.23
CA ILE B 338 18.83 10.92 -10.43
C ILE B 338 17.98 10.70 -11.68
N LEU B 339 17.49 9.49 -11.87
CA LEU B 339 16.66 9.21 -13.02
C LEU B 339 15.37 10.00 -13.01
N ALA B 340 14.75 10.19 -11.84
CA ALA B 340 13.56 11.01 -11.78
C ALA B 340 13.88 12.42 -12.29
N HIS B 341 14.98 13.01 -11.81
CA HIS B 341 15.36 14.36 -12.23
C HIS B 341 15.60 14.40 -13.75
N HIS B 342 16.43 13.47 -14.23
CA HIS B 342 16.89 13.53 -15.62
C HIS B 342 15.75 13.24 -16.59
N ILE B 343 14.90 12.26 -16.24
CA ILE B 343 13.83 11.92 -17.16
C ILE B 343 12.78 13.05 -17.15
N ALA B 344 12.50 13.63 -15.99
CA ALA B 344 11.60 14.77 -15.95
C ALA B 344 12.07 15.92 -16.83
N GLU B 345 13.36 16.24 -16.75
CA GLU B 345 13.92 17.32 -17.53
C GLU B 345 13.91 16.97 -19.02
N LEU B 346 14.19 15.71 -19.35
CA LEU B 346 14.12 15.23 -20.74
C LEU B 346 12.74 15.44 -21.35
N LYS B 347 11.71 15.17 -20.58
CA LYS B 347 10.31 15.32 -21.01
C LYS B 347 9.90 16.78 -21.09
N GLY B 348 10.75 17.69 -20.60
CA GLY B 348 10.46 19.13 -20.66
C GLY B 348 9.68 19.68 -19.47
N ASN B 349 9.80 19.01 -18.33
CA ASN B 349 8.96 19.28 -17.16
C ASN B 349 9.43 20.44 -16.29
N LYS B 350 10.62 20.99 -16.56
CA LYS B 350 11.05 22.25 -15.95
C LYS B 350 10.84 22.24 -14.42
N LEU B 351 11.61 21.41 -13.72
CA LEU B 351 11.32 21.14 -12.32
C LEU B 351 11.56 22.32 -11.40
N THR B 352 12.34 23.33 -11.80
CA THR B 352 12.47 24.52 -10.96
C THR B 352 11.24 25.42 -11.03
N GLU B 353 10.30 25.13 -11.92
CA GLU B 353 9.02 25.85 -11.96
C GLU B 353 8.02 25.08 -11.08
N ARG B 354 7.74 25.64 -9.91
CA ARG B 354 6.89 24.92 -8.94
C ARG B 354 5.44 24.93 -9.39
N ILE B 355 4.72 23.90 -8.92
CA ILE B 355 3.35 23.66 -9.30
C ILE B 355 2.49 23.40 -8.06
N TYR B 356 1.20 23.72 -8.17
CA TYR B 356 0.24 23.50 -7.12
C TYR B 356 0.74 24.06 -5.77
N THR B 357 1.29 25.26 -5.79
CA THR B 357 2.02 25.74 -4.62
C THR B 357 1.10 26.17 -3.48
N ASP B 358 -0.19 26.32 -3.78
CA ASP B 358 -1.17 26.69 -2.78
C ASP B 358 -1.81 25.49 -2.06
N PHE B 359 -1.48 24.31 -2.55
CA PHE B 359 -2.17 23.07 -2.16
C PHE B 359 -2.05 22.75 -0.69
N GLY B 360 -0.84 22.70 -0.17
CA GLY B 360 -0.63 22.22 1.22
C GLY B 360 -1.41 23.02 2.23
N VAL B 361 -1.37 24.33 2.08
CA VAL B 361 -2.11 25.22 2.97
C VAL B 361 -3.63 25.15 2.68
N ALA B 362 -4.03 25.18 1.41
CA ALA B 362 -5.45 25.12 1.08
C ALA B 362 -6.11 23.84 1.63
N MSE B 363 -5.35 22.74 1.52
CA MSE B 363 -5.86 21.41 1.89
C MSE B 363 -5.74 21.12 3.37
O MSE B 363 -6.23 20.07 3.83
CB MSE B 363 -5.16 20.32 1.07
CG MSE B 363 -5.52 20.40 -0.39
SE MSE B 363 -7.41 20.27 -0.84
CE MSE B 363 -7.89 22.15 -0.95
N LYS B 364 -5.08 22.00 4.10
CA LYS B 364 -4.89 21.85 5.55
C LYS B 364 -3.92 20.70 5.88
N SER B 365 -3.11 20.28 4.88
CA SER B 365 -2.09 19.26 5.05
C SER B 365 -0.72 19.76 5.50
N LYS B 366 -0.51 21.08 5.38
CA LYS B 366 0.75 21.74 5.79
C LYS B 366 0.42 22.93 6.64
N THR B 367 1.24 23.17 7.67
CA THR B 367 1.05 24.31 8.54
C THR B 367 1.35 25.65 7.83
N LYS B 368 2.27 25.63 6.87
CA LYS B 368 2.77 26.86 6.23
C LYS B 368 3.06 26.61 4.76
N PRO B 369 3.17 27.69 3.98
CA PRO B 369 3.71 27.53 2.60
C PRO B 369 5.05 26.84 2.60
N GLY B 370 5.27 26.04 1.56
CA GLY B 370 6.53 25.32 1.43
C GLY B 370 7.70 26.29 1.28
N ASP B 371 8.77 26.04 2.03
CA ASP B 371 9.94 26.89 2.00
C ASP B 371 10.89 26.40 0.90
N TYR B 372 10.47 26.60 -0.35
CA TYR B 372 11.16 26.02 -1.52
C TYR B 372 11.50 27.15 -2.47
N ALA B 373 12.71 27.06 -3.05
CA ALA B 373 13.24 28.05 -3.98
C ALA B 373 12.35 28.22 -5.20
P PO4 C . -6.73 -15.25 -4.13
O1 PO4 C . -7.90 -14.54 -3.46
O2 PO4 C . -5.61 -15.77 -3.19
O3 PO4 C . -6.20 -14.77 -5.45
O4 PO4 C . -7.37 -16.49 -4.79
C1 GOL D . -18.18 -23.25 -29.27
O1 GOL D . -17.00 -23.62 -28.59
C2 GOL D . -19.34 -24.20 -29.50
O2 GOL D . -20.50 -23.71 -28.93
C3 GOL D . -18.95 -25.61 -29.10
O3 GOL D . -18.29 -26.22 -30.20
C ACT E . 6.69 22.22 -4.07
O ACT E . 7.64 22.85 -4.66
OXT ACT E . 5.80 22.97 -3.59
CH3 ACT E . 6.71 20.71 -3.96
P PO4 F . 7.12 15.42 5.44
O1 PO4 F . 6.43 15.54 4.11
O2 PO4 F . 8.25 14.38 5.42
O3 PO4 F . 6.12 15.24 6.60
O4 PO4 F . 7.82 16.82 5.56
C1 GOL G . 15.71 -13.10 4.85
O1 GOL G . 15.75 -13.77 6.11
C2 GOL G . 14.41 -13.40 4.11
O2 GOL G . 13.83 -14.57 4.59
C3 GOL G . 14.54 -13.58 2.61
O3 GOL G . 15.72 -13.00 2.15
#